data_8PNL
#
_entry.id   8PNL
#
_cell.length_a   57.780
_cell.length_b   160.700
_cell.length_c   82.960
_cell.angle_alpha   90.00
_cell.angle_beta   109.01
_cell.angle_gamma   90.00
#
_symmetry.space_group_name_H-M   'P 1 21 1'
#
loop_
_entity.id
_entity.type
_entity.pdbx_description
1 polymer 'Putative triacylglyceride transporter'
2 polymer Nb_H2
#
loop_
_entity_poly.entity_id
_entity_poly.type
_entity_poly.pdbx_seq_one_letter_code
_entity_poly.pdbx_strand_id
1 'polypeptide(L)'
;MSAFPQTPNRLIRPRRTSRGIAISAGGLAVLLGALDTYVVVSIVTDIMRDVGIAVNQIQRVTPIITGYLLGYIAAMPLLG
RASDRFGRKLLIQISLAGFALGSVITALATNLDVLVAGRVIQGAASGALLPVTLALAADLWATHKRAAVLGGVGAAQELG
AVLGPIYGIFVVWLFHHWQAVFWVNVPLALIAMVLIHISLPPRVRTEEPQRVDVTGGLLLALALGLATIGLYNAEPDGKQ
VLPEYGPPLIIGAVIAAVAFLVWERFARTRLLDPAGVRFRPFLIALLVSLVTGGALMVTLVNVELFGQGVLGLDQDEAVF
LLARFLIALPVGALLGGWIATRVGDRAVTAVGLLIAAGGFYLIAQWPADVLESRHDLGFVSLPTLDTDLAIAGFGLGLVI
APLTSAALRVVPAAQHGIASAAVVVARMIGMLIGIAALSAWGLYRFNQYLKEQLAALPPAPADFPGGQMAGQMMRLRTAT
VQAYVLQYGEIFAITAGLCVFGAVLGLFIAGRREHAEESADAVDGVSNARDRAPSAALEVLFQ
;
A,C
2 'polypeptide(L)'
;GPSQGQLVESGGGLVQPGGSLRLSCADAGSIFNKFPMAWYRQAPGKERELVARISSGGSTNYADFVKGRFTISRDNAKST
LYLQMNSLKPEDTAMYYCARIINSASNIAYWGQGTRVTVSA
;
B,D
#
# COMPACT_ATOMS: atom_id res chain seq x y z
N THR A 17 0.52 21.22 8.44
CA THR A 17 1.00 21.13 9.81
C THR A 17 1.87 19.88 9.97
N SER A 18 2.91 19.98 10.79
CA SER A 18 3.96 18.98 10.87
C SER A 18 3.57 17.73 11.65
N ARG A 19 2.30 17.56 12.03
CA ARG A 19 1.94 16.37 12.80
C ARG A 19 2.11 15.08 12.00
N GLY A 20 1.89 15.14 10.69
CA GLY A 20 2.09 13.95 9.86
C GLY A 20 3.54 13.50 9.85
N ILE A 21 4.47 14.46 9.77
CA ILE A 21 5.88 14.13 9.82
C ILE A 21 6.27 13.65 11.22
N ALA A 22 5.67 14.23 12.25
CA ALA A 22 5.98 13.84 13.62
C ALA A 22 5.57 12.40 13.90
N ILE A 23 4.35 12.03 13.53
CA ILE A 23 3.88 10.66 13.80
C ILE A 23 4.57 9.65 12.91
N SER A 24 5.09 10.08 11.75
CA SER A 24 5.92 9.19 10.95
C SER A 24 7.24 8.88 11.66
N ALA A 25 7.88 9.90 12.24
CA ALA A 25 9.11 9.67 12.97
C ALA A 25 8.88 8.79 14.19
N GLY A 26 7.76 8.99 14.89
CA GLY A 26 7.43 8.10 15.99
C GLY A 26 7.13 6.69 15.54
N GLY A 27 6.37 6.54 14.45
CA GLY A 27 6.08 5.22 13.93
C GLY A 27 7.31 4.44 13.54
N LEU A 28 8.36 5.13 13.07
CA LEU A 28 9.60 4.43 12.72
C LEU A 28 10.32 3.94 13.97
N ALA A 29 10.20 4.67 15.08
CA ALA A 29 10.73 4.15 16.35
C ALA A 29 9.93 2.95 16.83
N VAL A 30 8.60 3.02 16.73
CA VAL A 30 7.75 1.88 17.08
C VAL A 30 8.12 0.66 16.25
N LEU A 31 8.32 0.85 14.94
CA LEU A 31 8.77 -0.24 14.10
C LEU A 31 10.10 -0.80 14.60
N LEU A 32 11.05 0.09 14.86
CA LEU A 32 12.38 -0.33 15.29
C LEU A 32 12.32 -1.20 16.55
N GLY A 33 11.55 -0.76 17.55
CA GLY A 33 11.43 -1.52 18.78
C GLY A 33 10.68 -2.82 18.61
N ALA A 34 9.78 -2.88 17.64
CA ALA A 34 8.99 -4.10 17.44
C ALA A 34 9.82 -5.21 16.80
N LEU A 35 10.77 -4.86 15.93
CA LEU A 35 11.68 -5.87 15.38
C LEU A 35 12.38 -6.63 16.50
N ASP A 36 12.81 -5.92 17.53
CA ASP A 36 13.61 -6.48 18.62
C ASP A 36 12.84 -7.45 19.49
N THR A 37 11.51 -7.51 19.37
CA THR A 37 10.71 -8.34 20.27
C THR A 37 10.92 -9.83 19.98
N TYR A 38 10.65 -10.26 18.75
CA TYR A 38 10.76 -11.66 18.37
C TYR A 38 11.99 -11.95 17.49
N VAL A 39 12.92 -11.00 17.37
CA VAL A 39 14.11 -11.25 16.56
C VAL A 39 14.86 -12.48 17.07
N VAL A 40 14.83 -12.71 18.38
CA VAL A 40 15.58 -13.84 18.95
C VAL A 40 15.09 -15.17 18.43
N VAL A 41 13.84 -15.27 17.96
CA VAL A 41 13.30 -16.56 17.52
C VAL A 41 14.18 -17.20 16.45
N SER A 42 14.86 -16.40 15.63
CA SER A 42 15.68 -16.94 14.56
C SER A 42 17.16 -17.04 14.90
N ILE A 43 17.58 -16.58 16.08
CA ILE A 43 18.99 -16.63 16.46
C ILE A 43 19.21 -17.31 17.81
N VAL A 44 18.18 -18.00 18.33
CA VAL A 44 18.34 -18.68 19.62
C VAL A 44 19.54 -19.62 19.57
N THR A 45 19.62 -20.42 18.51
CA THR A 45 20.66 -21.42 18.40
C THR A 45 22.05 -20.79 18.37
N ASP A 46 22.20 -19.70 17.62
CA ASP A 46 23.50 -19.04 17.56
C ASP A 46 23.88 -18.44 18.91
N ILE A 47 22.90 -17.93 19.65
CA ILE A 47 23.15 -17.50 21.03
C ILE A 47 23.56 -18.69 21.90
N MET A 48 22.82 -19.80 21.78
CA MET A 48 23.11 -20.97 22.59
C MET A 48 24.54 -21.45 22.38
N ARG A 49 25.02 -21.43 21.14
CA ARG A 49 26.41 -21.80 20.87
C ARG A 49 27.38 -20.90 21.63
N ASP A 50 27.26 -19.58 21.43
CA ASP A 50 28.25 -18.66 21.98
C ASP A 50 28.16 -18.57 23.50
N VAL A 51 26.95 -18.69 24.07
CA VAL A 51 26.81 -18.60 25.52
C VAL A 51 27.12 -19.93 26.21
N GLY A 52 27.13 -21.04 25.45
CA GLY A 52 27.54 -22.32 25.99
C GLY A 52 26.42 -23.10 26.66
N ILE A 53 25.25 -23.14 26.04
CA ILE A 53 24.08 -23.82 26.59
C ILE A 53 23.69 -24.97 25.67
N ALA A 54 23.44 -26.13 26.26
CA ALA A 54 23.21 -27.37 25.53
C ALA A 54 21.75 -27.47 25.05
N VAL A 55 21.56 -28.30 24.02
CA VAL A 55 20.23 -28.58 23.48
C VAL A 55 19.33 -29.16 24.56
N GLN A 59 14.29 -25.08 27.56
CA GLN A 59 15.69 -25.09 27.17
C GLN A 59 16.59 -24.51 28.26
N ARG A 60 15.98 -23.90 29.27
CA ARG A 60 16.69 -23.10 30.27
C ARG A 60 17.32 -21.86 29.65
N VAL A 61 16.98 -21.58 28.38
CA VAL A 61 17.35 -20.35 27.69
C VAL A 61 16.24 -19.30 27.77
N THR A 62 15.10 -19.66 28.37
CA THR A 62 13.92 -18.83 28.28
C THR A 62 14.07 -17.40 28.80
N PRO A 63 14.94 -17.09 29.78
CA PRO A 63 15.04 -15.69 30.24
C PRO A 63 15.27 -14.68 29.12
N ILE A 64 15.76 -15.14 27.97
CA ILE A 64 15.99 -14.24 26.85
C ILE A 64 14.68 -13.77 26.24
N ILE A 65 13.58 -14.47 26.47
CA ILE A 65 12.25 -13.97 26.12
C ILE A 65 11.47 -13.51 27.34
N THR A 66 11.50 -14.27 28.45
CA THR A 66 10.73 -13.87 29.62
C THR A 66 11.29 -12.62 30.27
N GLY A 67 12.62 -12.43 30.22
CA GLY A 67 13.19 -11.20 30.76
C GLY A 67 12.84 -9.98 29.94
N TYR A 68 12.91 -10.11 28.61
CA TYR A 68 12.47 -9.02 27.73
C TYR A 68 11.01 -8.68 28.00
N LEU A 69 10.15 -9.71 28.05
CA LEU A 69 8.73 -9.46 28.25
C LEU A 69 8.45 -8.87 29.62
N LEU A 70 9.22 -9.23 30.63
CA LEU A 70 9.11 -8.58 31.95
C LEU A 70 9.32 -7.08 31.83
N GLY A 71 10.46 -6.67 31.28
CA GLY A 71 10.70 -5.26 31.07
C GLY A 71 9.62 -4.62 30.21
N TYR A 72 9.22 -5.31 29.14
CA TYR A 72 8.26 -4.75 28.20
C TYR A 72 6.93 -4.44 28.89
N ILE A 73 6.41 -5.38 29.66
CA ILE A 73 5.09 -5.21 30.27
C ILE A 73 5.19 -4.37 31.54
N ALA A 74 6.10 -4.72 32.45
CA ALA A 74 6.05 -4.16 33.79
C ALA A 74 6.41 -2.68 33.81
N ALA A 75 7.40 -2.27 33.02
CA ALA A 75 7.82 -0.87 33.01
C ALA A 75 6.88 0.03 32.20
N MET A 76 5.86 -0.53 31.56
CA MET A 76 5.11 0.25 30.57
C MET A 76 4.20 1.28 31.22
N PRO A 77 3.38 0.96 32.23
CA PRO A 77 2.48 1.98 32.78
C PRO A 77 3.20 3.19 33.32
N LEU A 78 4.31 2.99 34.03
CA LEU A 78 5.00 4.11 34.65
C LEU A 78 5.72 4.97 33.60
N LEU A 79 6.31 4.35 32.59
CA LEU A 79 6.92 5.13 31.51
C LEU A 79 5.84 5.79 30.64
N GLY A 80 4.69 5.16 30.49
CA GLY A 80 3.57 5.83 29.84
C GLY A 80 3.12 7.06 30.60
N ARG A 81 2.98 6.92 31.93
CA ARG A 81 2.57 8.07 32.74
C ARG A 81 3.62 9.16 32.73
N ALA A 82 4.90 8.80 32.75
CA ALA A 82 5.96 9.79 32.69
C ALA A 82 5.80 10.72 31.50
N SER A 83 5.21 10.23 30.40
CA SER A 83 5.03 11.06 29.21
C SER A 83 3.93 12.10 29.38
N ASP A 84 3.03 11.92 30.35
CA ASP A 84 2.06 12.97 30.65
C ASP A 84 2.73 14.17 31.31
N ARG A 85 3.82 13.96 32.04
CA ARG A 85 4.56 15.05 32.68
C ARG A 85 5.68 15.57 31.78
N PHE A 86 6.64 14.72 31.44
CA PHE A 86 7.86 15.13 30.76
C PHE A 86 7.72 15.16 29.24
N GLY A 87 6.52 14.95 28.72
CA GLY A 87 6.28 15.01 27.30
C GLY A 87 6.66 13.73 26.60
N ARG A 88 6.40 13.72 25.30
CA ARG A 88 6.48 12.51 24.51
C ARG A 88 7.73 12.40 23.66
N LYS A 89 8.32 13.53 23.29
CA LYS A 89 9.63 13.51 22.63
C LYS A 89 10.70 12.97 23.57
N LEU A 90 10.77 13.48 24.79
CA LEU A 90 11.86 13.12 25.70
C LEU A 90 11.87 11.63 26.02
N LEU A 91 10.69 11.04 26.23
CA LEU A 91 10.65 9.63 26.60
C LEU A 91 10.93 8.71 25.41
N ILE A 92 10.52 9.10 24.21
CA ILE A 92 10.92 8.34 23.04
C ILE A 92 12.44 8.35 22.89
N GLN A 93 13.07 9.52 23.11
CA GLN A 93 14.53 9.59 23.08
C GLN A 93 15.15 8.71 24.16
N ILE A 94 14.62 8.81 25.39
CA ILE A 94 15.17 8.02 26.50
C ILE A 94 15.06 6.53 26.20
N SER A 95 13.90 6.09 25.71
CA SER A 95 13.72 4.66 25.45
C SER A 95 14.54 4.21 24.26
N LEU A 96 14.77 5.08 23.27
CA LEU A 96 15.67 4.71 22.19
C LEU A 96 17.10 4.58 22.67
N ALA A 97 17.54 5.49 23.54
CA ALA A 97 18.87 5.38 24.13
C ALA A 97 18.97 4.13 25.01
N GLY A 98 17.90 3.82 25.74
CA GLY A 98 17.90 2.59 26.53
C GLY A 98 17.81 1.34 25.69
N PHE A 99 17.11 1.42 24.56
CA PHE A 99 17.10 0.34 23.59
C PHE A 99 18.48 0.10 23.02
N ALA A 100 19.23 1.17 22.75
CA ALA A 100 20.62 1.04 22.34
C ALA A 100 21.47 0.46 23.46
N LEU A 101 21.33 1.01 24.68
CA LEU A 101 22.12 0.55 25.80
C LEU A 101 21.91 -0.93 26.06
N GLY A 102 20.64 -1.36 26.17
CA GLY A 102 20.37 -2.78 26.37
C GLY A 102 20.95 -3.63 25.26
N SER A 103 20.86 -3.16 24.02
CA SER A 103 21.44 -3.90 22.90
C SER A 103 22.94 -4.07 23.08
N VAL A 104 23.63 -3.01 23.50
CA VAL A 104 25.08 -3.11 23.72
C VAL A 104 25.37 -4.10 24.84
N ILE A 105 24.60 -4.06 25.92
CA ILE A 105 24.82 -4.99 27.03
C ILE A 105 24.67 -6.43 26.56
N THR A 106 23.67 -6.71 25.71
CA THR A 106 23.50 -8.08 25.21
C THR A 106 24.63 -8.44 24.25
N ALA A 107 25.06 -7.49 23.41
CA ALA A 107 26.13 -7.78 22.46
C ALA A 107 27.44 -8.09 23.19
N LEU A 108 27.64 -7.52 24.37
CA LEU A 108 28.83 -7.74 25.18
C LEU A 108 28.76 -9.01 26.03
N ALA A 109 27.70 -9.80 25.91
CA ALA A 109 27.41 -10.87 26.86
C ALA A 109 28.22 -12.12 26.52
N THR A 110 29.18 -12.47 27.38
CA THR A 110 29.76 -13.80 27.43
C THR A 110 28.90 -14.77 28.21
N ASN A 111 27.83 -14.28 28.84
CA ASN A 111 27.16 -14.94 29.95
C ASN A 111 25.67 -14.74 29.81
N LEU A 112 24.89 -15.79 30.10
CA LEU A 112 23.45 -15.68 30.05
C LEU A 112 22.94 -14.59 30.99
N ASP A 113 23.59 -14.43 32.15
CA ASP A 113 23.15 -13.42 33.12
C ASP A 113 23.31 -12.01 32.59
N VAL A 114 24.22 -11.80 31.64
CA VAL A 114 24.37 -10.48 31.04
C VAL A 114 23.41 -10.30 29.86
N LEU A 115 23.11 -11.38 29.13
CA LEU A 115 22.09 -11.31 28.10
C LEU A 115 20.73 -10.93 28.68
N VAL A 116 20.32 -11.62 29.75
CA VAL A 116 18.99 -11.37 30.32
C VAL A 116 18.89 -9.94 30.81
N ALA A 117 19.97 -9.42 31.41
CA ALA A 117 19.96 -8.04 31.88
C ALA A 117 19.79 -7.06 30.73
N GLY A 118 20.52 -7.29 29.63
CA GLY A 118 20.40 -6.42 28.48
C GLY A 118 19.04 -6.54 27.79
N ARG A 119 18.51 -7.77 27.71
CA ARG A 119 17.18 -7.96 27.14
C ARG A 119 16.11 -7.29 28.01
N VAL A 120 16.27 -7.33 29.33
CA VAL A 120 15.33 -6.62 30.21
C VAL A 120 15.33 -5.14 29.88
N ILE A 121 16.52 -4.56 29.69
CA ILE A 121 16.61 -3.12 29.41
C ILE A 121 16.06 -2.82 28.01
N GLN A 122 16.40 -3.64 27.02
CA GLN A 122 15.78 -3.52 25.71
C GLN A 122 14.26 -3.62 25.81
N GLY A 123 13.76 -4.55 26.61
CA GLY A 123 12.32 -4.75 26.71
C GLY A 123 11.62 -3.56 27.36
N ALA A 124 12.13 -3.11 28.50
CA ALA A 124 11.53 -1.96 29.17
C ALA A 124 11.56 -0.73 28.26
N ALA A 125 12.68 -0.52 27.57
CA ALA A 125 12.77 0.57 26.61
C ALA A 125 11.73 0.42 25.50
N SER A 126 11.75 -0.72 24.80
CA SER A 126 10.86 -0.92 23.66
C SER A 126 9.40 -0.90 24.09
N GLY A 127 9.11 -1.24 25.35
CA GLY A 127 7.72 -1.25 25.81
C GLY A 127 7.10 0.13 25.83
N ALA A 128 7.91 1.17 26.04
CA ALA A 128 7.38 2.53 26.10
C ALA A 128 7.01 3.08 24.73
N LEU A 129 7.71 2.65 23.68
CA LEU A 129 7.62 3.31 22.38
C LEU A 129 6.18 3.32 21.85
N LEU A 130 5.50 2.17 21.92
CA LEU A 130 4.16 2.10 21.33
C LEU A 130 3.16 2.95 22.10
N PRO A 131 2.97 2.77 23.41
CA PRO A 131 2.02 3.63 24.13
C PRO A 131 2.32 5.11 24.01
N VAL A 132 3.60 5.49 24.13
CA VAL A 132 3.96 6.90 24.06
C VAL A 132 3.66 7.47 22.69
N THR A 133 3.82 6.66 21.64
CA THR A 133 3.52 7.14 20.28
C THR A 133 2.02 7.14 20.01
N LEU A 134 1.28 6.15 20.51
CA LEU A 134 -0.17 6.21 20.43
C LEU A 134 -0.69 7.46 21.11
N ALA A 135 -0.09 7.82 22.25
CA ALA A 135 -0.50 9.04 22.95
C ALA A 135 -0.10 10.29 22.18
N LEU A 136 1.03 10.25 21.48
CA LEU A 136 1.40 11.36 20.60
C LEU A 136 0.33 11.57 19.54
N ALA A 137 -0.11 10.48 18.89
CA ALA A 137 -1.20 10.59 17.94
C ALA A 137 -2.46 11.15 18.59
N ALA A 138 -2.72 10.76 19.83
CA ALA A 138 -3.89 11.29 20.54
C ALA A 138 -3.75 12.77 20.82
N ASP A 139 -2.52 13.26 21.02
CA ASP A 139 -2.32 14.69 21.27
C ASP A 139 -2.56 15.51 20.01
N LEU A 140 -2.06 15.04 18.87
CA LEU A 140 -2.02 15.84 17.66
C LEU A 140 -3.26 15.69 16.78
N TRP A 141 -4.18 14.79 17.10
CA TRP A 141 -5.42 14.61 16.34
C TRP A 141 -6.63 14.60 17.25
N ALA A 142 -7.72 15.16 16.77
CA ALA A 142 -9.02 15.08 17.42
C ALA A 142 -9.65 13.70 17.18
N THR A 143 -10.54 13.32 18.10
CA THR A 143 -11.01 11.93 18.16
C THR A 143 -11.60 11.45 16.84
N HIS A 144 -12.29 12.33 16.12
CA HIS A 144 -13.13 11.87 15.01
C HIS A 144 -12.32 11.44 13.78
N LYS A 145 -11.10 11.93 13.62
CA LYS A 145 -10.19 11.42 12.61
C LYS A 145 -9.01 10.65 13.18
N ARG A 146 -8.89 10.62 14.52
CA ARG A 146 -7.72 10.05 15.18
C ARG A 146 -7.54 8.56 14.87
N ALA A 147 -8.65 7.82 14.76
CA ALA A 147 -8.55 6.36 14.63
C ALA A 147 -7.71 5.93 13.44
N ALA A 148 -7.69 6.71 12.36
CA ALA A 148 -6.88 6.35 11.21
C ALA A 148 -5.39 6.46 11.51
N VAL A 149 -5.01 7.39 12.39
CA VAL A 149 -3.61 7.55 12.75
C VAL A 149 -3.17 6.45 13.70
N LEU A 150 -4.03 6.11 14.67
CA LEU A 150 -3.77 4.98 15.55
C LEU A 150 -3.61 3.69 14.75
N GLY A 151 -4.30 3.57 13.61
CA GLY A 151 -4.13 2.40 12.77
C GLY A 151 -2.72 2.30 12.22
N GLY A 152 -2.13 3.43 11.84
CA GLY A 152 -0.77 3.41 11.32
C GLY A 152 0.24 3.02 12.38
N VAL A 153 0.12 3.62 13.57
CA VAL A 153 1.04 3.28 14.66
C VAL A 153 0.88 1.82 15.03
N GLY A 154 -0.37 1.35 15.16
CA GLY A 154 -0.59 -0.06 15.46
C GLY A 154 -0.10 -0.97 14.36
N ALA A 155 -0.24 -0.55 13.10
CA ALA A 155 0.30 -1.33 11.99
C ALA A 155 1.81 -1.44 12.08
N ALA A 156 2.48 -0.33 12.42
CA ALA A 156 3.93 -0.36 12.56
C ALA A 156 4.36 -1.34 13.64
N GLN A 157 3.57 -1.48 14.70
CA GLN A 157 3.88 -2.44 15.75
C GLN A 157 3.73 -3.87 15.23
N GLU A 158 2.54 -4.21 14.72
CA GLU A 158 2.29 -5.58 14.30
C GLU A 158 3.20 -5.98 13.14
N LEU A 159 3.54 -5.05 12.26
CA LEU A 159 4.42 -5.39 11.15
C LEU A 159 5.85 -5.65 11.64
N GLY A 160 6.36 -4.78 12.50
CA GLY A 160 7.71 -4.99 13.02
C GLY A 160 7.84 -6.29 13.77
N ALA A 161 6.86 -6.62 14.60
CA ALA A 161 6.87 -7.88 15.34
C ALA A 161 7.02 -9.07 14.41
N VAL A 162 6.47 -8.97 13.20
CA VAL A 162 6.44 -10.08 12.26
C VAL A 162 7.68 -10.12 11.36
N LEU A 163 8.26 -8.96 11.06
CA LEU A 163 9.50 -8.90 10.30
C LEU A 163 10.73 -9.13 11.17
N GLY A 164 10.60 -9.03 12.49
CA GLY A 164 11.70 -9.19 13.40
C GLY A 164 12.54 -10.43 13.16
N PRO A 165 11.90 -11.61 13.17
CA PRO A 165 12.65 -12.85 12.91
C PRO A 165 13.40 -12.82 11.58
N ILE A 166 12.84 -12.17 10.57
CA ILE A 166 13.51 -12.10 9.27
C ILE A 166 14.68 -11.13 9.33
N TYR A 167 14.49 -9.99 10.01
CA TYR A 167 15.60 -9.06 10.27
C TYR A 167 16.75 -9.76 10.96
N GLY A 168 16.46 -10.62 11.94
CA GLY A 168 17.51 -11.39 12.58
C GLY A 168 18.27 -12.27 11.60
N ILE A 169 17.54 -13.03 10.78
CA ILE A 169 18.18 -13.87 9.77
C ILE A 169 19.06 -13.01 8.87
N PHE A 170 18.53 -11.88 8.41
CA PHE A 170 19.21 -11.09 7.39
C PHE A 170 20.52 -10.50 7.91
N VAL A 171 20.53 -9.97 9.13
CA VAL A 171 21.76 -9.35 9.62
C VAL A 171 22.81 -10.42 9.93
N VAL A 172 22.39 -11.63 10.30
CA VAL A 172 23.37 -12.70 10.49
C VAL A 172 23.89 -13.18 9.14
N TRP A 173 23.08 -13.08 8.09
CA TRP A 173 23.59 -13.32 6.74
C TRP A 173 24.58 -12.24 6.32
N LEU A 174 24.40 -11.00 6.81
CA LEU A 174 25.34 -9.92 6.50
C LEU A 174 26.63 -10.07 7.29
N PHE A 175 26.53 -10.30 8.60
CA PHE A 175 27.64 -10.12 9.52
C PHE A 175 28.06 -11.39 10.24
N HIS A 176 27.32 -12.49 10.08
CA HIS A 176 27.74 -13.84 10.44
C HIS A 176 27.86 -14.06 11.95
N HIS A 177 27.44 -13.10 12.77
CA HIS A 177 27.39 -13.27 14.22
C HIS A 177 26.09 -12.68 14.75
N TRP A 178 25.41 -13.41 15.63
CA TRP A 178 24.13 -12.95 16.14
C TRP A 178 24.26 -11.62 16.88
N GLN A 179 25.42 -11.35 17.48
CA GLN A 179 25.64 -10.08 18.14
C GLN A 179 25.38 -8.91 17.20
N ALA A 180 25.51 -9.12 15.89
CA ALA A 180 25.26 -8.07 14.92
C ALA A 180 23.85 -7.49 15.04
N VAL A 181 22.87 -8.32 15.39
CA VAL A 181 21.51 -7.83 15.61
C VAL A 181 21.53 -6.62 16.53
N PHE A 182 22.23 -6.76 17.66
CA PHE A 182 22.20 -5.77 18.71
C PHE A 182 23.24 -4.68 18.54
N TRP A 183 24.25 -4.90 17.70
CA TRP A 183 25.08 -3.79 17.24
C TRP A 183 24.31 -2.93 16.23
N VAL A 184 23.63 -3.57 15.27
CA VAL A 184 22.85 -2.82 14.28
C VAL A 184 21.77 -1.99 14.95
N ASN A 185 21.27 -2.44 16.11
CA ASN A 185 20.29 -1.66 16.85
C ASN A 185 20.82 -0.27 17.21
N VAL A 186 22.12 -0.14 17.45
CA VAL A 186 22.67 1.11 17.98
C VAL A 186 22.62 2.20 16.92
N PRO A 187 23.19 2.03 15.72
CA PRO A 187 23.01 3.08 14.70
C PRO A 187 21.55 3.39 14.39
N LEU A 188 20.72 2.35 14.27
CA LEU A 188 19.31 2.57 13.99
C LEU A 188 18.64 3.40 15.09
N ALA A 189 19.01 3.13 16.35
CA ALA A 189 18.47 3.93 17.45
C ALA A 189 18.91 5.38 17.35
N LEU A 190 20.18 5.61 16.97
CA LEU A 190 20.67 6.98 16.82
C LEU A 190 20.00 7.68 15.63
N ILE A 191 19.75 6.93 14.55
CA ILE A 191 19.01 7.48 13.42
C ILE A 191 17.59 7.83 13.85
N ALA A 192 16.95 6.94 14.61
CA ALA A 192 15.60 7.21 15.08
C ALA A 192 15.57 8.44 15.98
N MET A 193 16.57 8.58 16.86
CA MET A 193 16.65 9.77 17.70
C MET A 193 16.83 11.04 16.88
N VAL A 194 17.51 10.95 15.74
CA VAL A 194 17.70 12.11 14.89
C VAL A 194 16.39 12.49 14.20
N LEU A 195 15.70 11.51 13.61
CA LEU A 195 14.40 11.78 13.00
C LEU A 195 13.45 12.39 14.02
N ILE A 196 13.40 11.82 15.22
CA ILE A 196 12.49 12.28 16.26
C ILE A 196 12.91 13.63 16.80
N HIS A 197 14.22 13.91 16.82
CA HIS A 197 14.68 15.20 17.32
C HIS A 197 14.19 16.34 16.45
N ILE A 198 14.25 16.18 15.13
CA ILE A 198 13.82 17.25 14.22
C ILE A 198 12.31 17.30 14.02
N SER A 199 11.59 16.20 14.30
CA SER A 199 10.20 16.09 13.87
C SER A 199 9.18 16.44 14.94
N LEU A 200 9.37 16.04 16.20
CA LEU A 200 8.29 16.15 17.16
C LEU A 200 8.20 17.55 17.76
N PRO A 201 7.03 17.94 18.28
CA PRO A 201 6.88 19.26 18.89
C PRO A 201 7.88 19.48 20.02
N PRO A 202 8.54 20.64 20.08
CA PRO A 202 9.50 20.90 21.16
C PRO A 202 8.83 21.12 22.51
N ARG A 203 9.68 21.18 23.54
CA ARG A 203 9.29 21.67 24.86
C ARG A 203 10.41 22.53 25.44
N GLN A 210 7.35 18.03 37.28
CA GLN A 210 6.91 17.58 38.58
C GLN A 210 6.64 16.06 38.55
N ARG A 211 6.22 15.48 39.67
CA ARG A 211 6.26 14.04 39.87
C ARG A 211 5.16 13.29 39.14
N VAL A 212 5.43 12.00 38.93
CA VAL A 212 4.40 11.00 38.62
C VAL A 212 4.27 10.07 39.83
N ASP A 213 3.27 9.18 39.77
CA ASP A 213 3.02 8.23 40.86
C ASP A 213 4.01 7.07 40.76
N VAL A 214 5.24 7.33 41.24
CA VAL A 214 6.29 6.31 41.19
C VAL A 214 5.92 5.11 42.04
N THR A 215 5.39 5.34 43.24
CA THR A 215 5.11 4.23 44.15
C THR A 215 4.03 3.31 43.59
N GLY A 216 2.94 3.89 43.06
CA GLY A 216 1.92 3.08 42.42
C GLY A 216 2.45 2.39 41.17
N GLY A 217 3.23 3.12 40.37
CA GLY A 217 3.83 2.51 39.20
C GLY A 217 4.68 1.30 39.51
N LEU A 218 5.52 1.41 40.55
CA LEU A 218 6.40 0.30 40.91
C LEU A 218 5.61 -0.85 41.54
N LEU A 219 4.57 -0.54 42.31
CA LEU A 219 3.69 -1.60 42.80
C LEU A 219 3.01 -2.33 41.65
N LEU A 220 2.51 -1.59 40.66
CA LEU A 220 1.88 -2.21 39.50
C LEU A 220 2.89 -3.00 38.70
N ALA A 221 4.09 -2.44 38.49
CA ALA A 221 5.16 -3.17 37.81
C ALA A 221 5.45 -4.49 38.52
N LEU A 222 5.52 -4.45 39.86
CA LEU A 222 5.73 -5.68 40.63
C LEU A 222 4.61 -6.69 40.38
N ALA A 223 3.36 -6.23 40.45
CA ALA A 223 2.24 -7.12 40.19
C ALA A 223 2.31 -7.71 38.78
N LEU A 224 2.52 -6.85 37.78
CA LEU A 224 2.62 -7.32 36.40
C LEU A 224 3.77 -8.32 36.24
N GLY A 225 4.89 -8.07 36.91
CA GLY A 225 6.01 -8.98 36.80
C GLY A 225 5.71 -10.35 37.38
N LEU A 226 5.12 -10.38 38.58
CA LEU A 226 4.74 -11.65 39.20
C LEU A 226 3.83 -12.45 38.28
N ALA A 227 2.85 -11.78 37.67
CA ALA A 227 1.94 -12.47 36.77
C ALA A 227 2.64 -12.95 35.50
N THR A 228 3.60 -12.17 35.01
CA THR A 228 4.27 -12.53 33.76
C THR A 228 5.18 -13.74 33.94
N ILE A 229 5.95 -13.77 35.03
CA ILE A 229 6.79 -14.94 35.32
C ILE A 229 5.92 -16.15 35.64
N GLY A 230 4.87 -15.96 36.42
CA GLY A 230 4.07 -17.08 36.89
C GLY A 230 3.26 -17.75 35.79
N LEU A 231 2.87 -16.98 34.76
CA LEU A 231 2.00 -17.52 33.71
C LEU A 231 2.79 -18.12 32.55
N TYR A 232 3.95 -17.57 32.20
CA TYR A 232 4.71 -18.08 31.06
C TYR A 232 5.26 -19.48 31.36
N ASN A 233 5.28 -20.32 30.34
CA ASN A 233 5.66 -21.72 30.50
C ASN A 233 6.27 -22.22 29.20
N ALA A 234 7.12 -23.25 29.32
CA ALA A 234 7.78 -23.86 28.16
C ALA A 234 7.74 -25.39 28.27
N GLY A 238 4.41 -33.24 30.79
CA GLY A 238 3.53 -32.55 29.87
C GLY A 238 2.11 -32.40 30.40
N LYS A 239 1.86 -32.94 31.59
CA LYS A 239 0.54 -32.89 32.22
C LYS A 239 0.42 -31.75 33.22
N GLN A 240 1.03 -30.60 32.92
CA GLN A 240 0.91 -29.43 33.78
C GLN A 240 1.26 -28.19 32.95
N VAL A 241 0.42 -27.15 33.04
CA VAL A 241 0.53 -26.00 32.15
C VAL A 241 1.20 -24.78 32.81
N LEU A 242 1.18 -24.68 34.13
CA LEU A 242 1.91 -23.64 34.84
C LEU A 242 3.19 -24.19 35.43
N PRO A 243 4.29 -23.44 35.49
CA PRO A 243 5.46 -23.92 36.24
C PRO A 243 5.07 -24.16 37.69
N GLU A 244 5.84 -25.00 38.38
CA GLU A 244 5.53 -25.20 39.79
C GLU A 244 5.72 -23.92 40.58
N TYR A 245 6.62 -23.04 40.14
CA TYR A 245 6.74 -21.72 40.73
C TYR A 245 5.63 -20.77 40.29
N GLY A 246 4.72 -21.22 39.43
CA GLY A 246 3.69 -20.37 38.89
C GLY A 246 2.64 -19.94 39.89
N PRO A 247 1.92 -20.91 40.47
CA PRO A 247 0.74 -20.58 41.28
C PRO A 247 1.01 -19.57 42.38
N PRO A 248 2.08 -19.72 43.17
CA PRO A 248 2.31 -18.70 44.21
C PRO A 248 2.66 -17.33 43.66
N LEU A 249 3.35 -17.26 42.51
CA LEU A 249 3.58 -15.97 41.86
C LEU A 249 2.27 -15.36 41.36
N ILE A 250 1.36 -16.20 40.87
CA ILE A 250 0.09 -15.70 40.38
C ILE A 250 -0.77 -15.18 41.53
N ILE A 251 -0.80 -15.92 42.64
CA ILE A 251 -1.55 -15.47 43.80
C ILE A 251 -0.87 -14.26 44.43
N GLY A 252 0.46 -14.24 44.44
CA GLY A 252 1.16 -13.03 44.83
C GLY A 252 0.83 -11.84 43.95
N ALA A 253 0.62 -12.10 42.64
CA ALA A 253 0.30 -11.02 41.73
C ALA A 253 -1.06 -10.38 42.06
N VAL A 254 -2.04 -11.20 42.44
CA VAL A 254 -3.32 -10.66 42.89
C VAL A 254 -3.11 -9.77 44.12
N ILE A 255 -2.32 -10.26 45.07
CA ILE A 255 -2.09 -9.51 46.31
C ILE A 255 -1.35 -8.21 46.01
N ALA A 256 -0.32 -8.28 45.17
CA ALA A 256 0.38 -7.05 44.78
C ALA A 256 -0.53 -6.11 44.01
N ALA A 257 -1.51 -6.64 43.28
CA ALA A 257 -2.48 -5.78 42.61
C ALA A 257 -3.42 -5.12 43.59
N VAL A 258 -3.83 -5.83 44.65
CA VAL A 258 -4.64 -5.22 45.69
C VAL A 258 -3.86 -4.14 46.41
N ALA A 259 -2.61 -4.43 46.77
CA ALA A 259 -1.76 -3.42 47.40
C ALA A 259 -1.65 -2.17 46.53
N PHE A 260 -1.59 -2.35 45.21
CA PHE A 260 -1.57 -1.21 44.31
C PHE A 260 -2.88 -0.44 44.37
N LEU A 261 -4.01 -1.14 44.32
CA LEU A 261 -5.31 -0.47 44.44
C LEU A 261 -5.44 0.26 45.77
N VAL A 262 -4.97 -0.35 46.85
CA VAL A 262 -5.10 0.24 48.17
C VAL A 262 -4.21 1.48 48.30
N TRP A 263 -2.96 1.39 47.85
CA TRP A 263 -2.05 2.54 47.95
C TRP A 263 -2.65 3.77 47.29
N GLU A 264 -3.17 3.63 46.07
CA GLU A 264 -3.57 4.81 45.31
C GLU A 264 -4.85 5.45 45.82
N ARG A 265 -5.52 4.85 46.81
CA ARG A 265 -6.58 5.59 47.49
C ARG A 265 -6.03 6.56 48.52
N PHE A 266 -4.83 6.31 49.04
CA PHE A 266 -4.17 7.19 49.99
C PHE A 266 -3.04 7.99 49.36
N ALA A 267 -2.72 7.74 48.09
CA ALA A 267 -1.72 8.51 47.39
C ALA A 267 -2.27 9.87 46.98
N ARG A 268 -1.42 10.89 47.09
CA ARG A 268 -1.77 12.20 46.56
C ARG A 268 -1.73 12.18 45.04
N THR A 269 -0.58 11.84 44.47
CA THR A 269 -0.47 11.52 43.06
C THR A 269 -1.15 10.18 42.78
N ARG A 270 -1.82 10.08 41.63
CA ARG A 270 -2.34 8.80 41.16
C ARG A 270 -1.85 8.54 39.75
N LEU A 271 -1.62 7.26 39.46
CA LEU A 271 -1.04 6.87 38.18
C LEU A 271 -2.01 7.16 37.03
N LEU A 272 -3.28 6.77 37.20
CA LEU A 272 -4.38 7.24 36.37
C LEU A 272 -5.31 8.04 37.27
N ASP A 273 -5.40 9.34 37.03
CA ASP A 273 -6.25 10.17 37.89
C ASP A 273 -7.71 10.02 37.44
N PRO A 274 -8.61 9.57 38.32
CA PRO A 274 -9.96 9.21 37.87
C PRO A 274 -10.87 10.38 37.54
N ALA A 275 -10.43 11.61 37.79
CA ALA A 275 -11.28 12.77 37.53
C ALA A 275 -11.64 12.84 36.05
N GLY A 276 -12.94 12.71 35.75
CA GLY A 276 -13.44 12.81 34.39
C GLY A 276 -13.31 11.56 33.55
N VAL A 277 -12.63 10.52 34.05
CA VAL A 277 -12.54 9.25 33.33
C VAL A 277 -13.86 8.51 33.48
N ARG A 278 -14.45 8.10 32.35
CA ARG A 278 -15.65 7.28 32.39
C ARG A 278 -15.23 5.82 32.37
N PHE A 279 -15.38 5.14 33.51
CA PHE A 279 -14.71 3.86 33.71
C PHE A 279 -15.46 2.68 33.08
N ARG A 280 -16.79 2.73 32.97
CA ARG A 280 -17.49 1.60 32.34
C ARG A 280 -16.99 1.36 30.92
N PRO A 281 -17.00 2.35 30.01
CA PRO A 281 -16.44 2.09 28.68
C PRO A 281 -14.94 1.86 28.69
N PHE A 282 -14.21 2.57 29.56
CA PHE A 282 -12.75 2.38 29.63
C PHE A 282 -12.41 0.93 29.98
N LEU A 283 -13.04 0.39 31.02
CA LEU A 283 -12.68 -0.95 31.48
C LEU A 283 -13.21 -2.02 30.53
N ILE A 284 -14.32 -1.78 29.84
CA ILE A 284 -14.76 -2.72 28.83
C ILE A 284 -13.77 -2.76 27.67
N ALA A 285 -13.24 -1.59 27.29
CA ALA A 285 -12.21 -1.56 26.25
C ALA A 285 -10.98 -2.35 26.68
N LEU A 286 -10.60 -2.27 27.95
CA LEU A 286 -9.47 -3.06 28.44
C LEU A 286 -9.80 -4.55 28.40
N LEU A 287 -11.02 -4.92 28.77
CA LEU A 287 -11.37 -6.34 28.82
C LEU A 287 -11.45 -6.93 27.42
N VAL A 288 -11.94 -6.17 26.45
CA VAL A 288 -11.94 -6.65 25.07
C VAL A 288 -10.52 -6.74 24.54
N SER A 289 -9.67 -5.75 24.85
CA SER A 289 -8.27 -5.85 24.49
C SER A 289 -7.65 -7.11 25.07
N LEU A 290 -7.95 -7.40 26.33
CA LEU A 290 -7.48 -8.63 26.94
C LEU A 290 -7.94 -9.84 26.14
N VAL A 291 -9.21 -9.87 25.74
CA VAL A 291 -9.73 -10.99 24.94
C VAL A 291 -8.93 -11.12 23.64
N THR A 292 -8.71 -10.01 22.94
CA THR A 292 -7.99 -10.09 21.67
C THR A 292 -6.59 -10.67 21.86
N GLY A 293 -5.92 -10.28 22.94
CA GLY A 293 -4.59 -10.80 23.19
C GLY A 293 -4.59 -12.30 23.43
N GLY A 294 -5.62 -12.81 24.11
CA GLY A 294 -5.74 -14.24 24.30
C GLY A 294 -5.94 -14.98 22.98
N ALA A 295 -6.82 -14.46 22.13
CA ALA A 295 -7.05 -15.09 20.84
C ALA A 295 -5.79 -15.09 19.98
N LEU A 296 -5.01 -14.02 20.07
CA LEU A 296 -3.73 -13.97 19.35
C LEU A 296 -2.80 -15.07 19.81
N MET A 297 -2.51 -15.12 21.12
CA MET A 297 -1.53 -16.07 21.64
C MET A 297 -2.01 -17.50 21.50
N VAL A 298 -3.31 -17.74 21.71
CA VAL A 298 -3.88 -19.07 21.48
C VAL A 298 -3.54 -19.55 20.08
N THR A 299 -3.65 -18.67 19.09
CA THR A 299 -3.36 -19.07 17.72
C THR A 299 -1.86 -19.25 17.50
N LEU A 300 -1.05 -18.35 18.05
CA LEU A 300 0.40 -18.42 17.85
C LEU A 300 0.97 -19.74 18.35
N VAL A 301 0.45 -20.27 19.46
CA VAL A 301 1.03 -21.49 20.02
C VAL A 301 0.36 -22.75 19.45
N ASN A 302 -0.96 -22.77 19.33
CA ASN A 302 -1.64 -24.01 18.95
C ASN A 302 -1.40 -24.36 17.48
N VAL A 303 -1.39 -23.37 16.59
CA VAL A 303 -1.17 -23.66 15.18
C VAL A 303 0.22 -24.23 14.97
N GLU A 304 1.22 -23.68 15.65
CA GLU A 304 2.58 -24.18 15.52
C GLU A 304 2.71 -25.58 16.11
N LEU A 305 2.00 -25.86 17.21
CA LEU A 305 2.00 -27.21 17.77
C LEU A 305 1.24 -28.18 16.87
N PHE A 306 0.15 -27.72 16.25
CA PHE A 306 -0.57 -28.53 15.27
C PHE A 306 0.30 -28.83 14.05
N GLY A 307 1.18 -27.89 13.69
CA GLY A 307 2.11 -28.14 12.61
C GLY A 307 3.09 -29.28 12.93
N GLN A 308 3.70 -29.23 14.11
CA GLN A 308 4.65 -30.28 14.49
C GLN A 308 3.93 -31.60 14.76
N GLY A 309 2.90 -31.56 15.60
CA GLY A 309 2.30 -32.78 16.12
C GLY A 309 1.40 -33.53 15.17
N VAL A 310 0.60 -32.81 14.39
CA VAL A 310 -0.36 -33.42 13.48
C VAL A 310 0.15 -33.44 12.04
N LEU A 311 0.76 -32.35 11.59
CA LEU A 311 1.20 -32.26 10.21
C LEU A 311 2.63 -32.77 10.00
N GLY A 312 3.41 -32.93 11.06
CA GLY A 312 4.74 -33.49 10.95
C GLY A 312 5.76 -32.55 10.35
N LEU A 313 5.68 -31.26 10.66
CA LEU A 313 6.60 -30.27 10.15
C LEU A 313 7.77 -30.07 11.10
N ASP A 314 8.88 -29.58 10.55
CA ASP A 314 9.97 -29.05 11.35
C ASP A 314 9.48 -27.84 12.15
N GLN A 315 10.15 -27.58 13.27
CA GLN A 315 9.82 -26.37 14.03
C GLN A 315 9.92 -25.13 13.18
N ASP A 316 10.97 -25.04 12.35
CA ASP A 316 11.13 -23.88 11.47
C ASP A 316 10.00 -23.78 10.45
N GLU A 317 9.51 -24.93 9.97
CA GLU A 317 8.37 -24.93 9.06
C GLU A 317 7.08 -24.58 9.78
N ALA A 318 6.88 -25.12 10.98
CA ALA A 318 5.62 -24.94 11.69
C ALA A 318 5.40 -23.48 12.08
N VAL A 319 6.47 -22.78 12.46
CA VAL A 319 6.34 -21.35 12.74
C VAL A 319 5.93 -20.60 11.48
N PHE A 320 6.45 -21.03 10.33
CA PHE A 320 6.13 -20.33 9.08
C PHE A 320 4.67 -20.49 8.68
N LEU A 321 3.96 -21.49 9.21
CA LEU A 321 2.51 -21.57 9.02
C LEU A 321 1.83 -20.28 9.44
N LEU A 322 2.36 -19.60 10.46
CA LEU A 322 1.75 -18.42 11.03
C LEU A 322 1.81 -17.20 10.11
N ALA A 323 2.43 -17.33 8.93
CA ALA A 323 2.70 -16.16 8.10
C ALA A 323 1.43 -15.41 7.73
N ARG A 324 0.43 -16.11 7.19
CA ARG A 324 -0.78 -15.41 6.73
C ARG A 324 -1.62 -14.89 7.89
N PHE A 325 -1.53 -15.49 9.06
CA PHE A 325 -2.12 -14.88 10.26
C PHE A 325 -1.36 -13.63 10.66
N LEU A 326 -0.03 -13.73 10.65
CA LEU A 326 0.82 -12.63 11.11
C LEU A 326 0.80 -11.45 10.13
N ILE A 327 0.73 -11.73 8.84
CA ILE A 327 0.67 -10.65 7.85
C ILE A 327 -0.69 -9.97 7.87
N ALA A 328 -1.75 -10.72 8.14
CA ALA A 328 -3.09 -10.14 8.11
C ALA A 328 -3.33 -9.17 9.26
N LEU A 329 -2.60 -9.33 10.37
CA LEU A 329 -2.80 -8.44 11.53
C LEU A 329 -2.50 -6.98 11.20
N PRO A 330 -1.31 -6.61 10.71
CA PRO A 330 -1.06 -5.20 10.39
C PRO A 330 -1.98 -4.66 9.30
N VAL A 331 -2.38 -5.49 8.34
CA VAL A 331 -3.32 -5.03 7.31
C VAL A 331 -4.65 -4.65 7.95
N GLY A 332 -5.15 -5.48 8.87
CA GLY A 332 -6.37 -5.14 9.57
C GLY A 332 -6.23 -3.90 10.43
N ALA A 333 -5.11 -3.77 11.15
CA ALA A 333 -4.89 -2.61 12.00
C ALA A 333 -4.98 -1.31 11.22
N LEU A 334 -4.36 -1.29 10.03
CA LEU A 334 -4.35 -0.07 9.22
C LEU A 334 -5.74 0.27 8.72
N LEU A 335 -6.44 -0.72 8.13
CA LEU A 335 -7.73 -0.45 7.51
C LEU A 335 -8.83 -0.26 8.55
N GLY A 336 -8.80 -1.01 9.65
CA GLY A 336 -9.79 -0.81 10.70
C GLY A 336 -9.76 0.59 11.27
N GLY A 337 -8.58 1.21 11.32
CA GLY A 337 -8.50 2.59 11.77
C GLY A 337 -9.21 3.54 10.83
N TRP A 338 -8.99 3.38 9.52
CA TRP A 338 -9.64 4.26 8.56
C TRP A 338 -11.16 4.11 8.62
N ILE A 339 -11.64 2.86 8.62
CA ILE A 339 -13.07 2.62 8.65
C ILE A 339 -13.69 3.17 9.92
N ALA A 340 -12.95 3.13 11.04
CA ALA A 340 -13.50 3.59 12.31
C ALA A 340 -13.63 5.11 12.37
N THR A 341 -12.91 5.85 11.54
CA THR A 341 -13.18 7.29 11.43
C THR A 341 -14.55 7.57 10.85
N ARG A 342 -15.20 6.57 10.27
CA ARG A 342 -16.43 6.75 9.51
C ARG A 342 -17.62 5.99 10.08
N VAL A 343 -17.42 4.76 10.54
CA VAL A 343 -18.51 3.94 11.04
C VAL A 343 -18.52 3.84 12.56
N GLY A 344 -17.44 4.18 13.24
CA GLY A 344 -17.38 4.20 14.69
C GLY A 344 -16.59 3.03 15.25
N ASP A 345 -16.09 3.23 16.48
CA ASP A 345 -15.27 2.22 17.13
C ASP A 345 -16.10 0.99 17.53
N ARG A 346 -17.32 1.22 18.04
CA ARG A 346 -18.16 0.11 18.46
C ARG A 346 -18.38 -0.89 17.33
N ALA A 347 -18.64 -0.39 16.13
CA ALA A 347 -19.00 -1.26 15.02
C ALA A 347 -17.79 -2.04 14.50
N VAL A 348 -16.66 -1.35 14.30
CA VAL A 348 -15.48 -2.04 13.75
C VAL A 348 -14.96 -3.09 14.73
N THR A 349 -14.99 -2.80 16.03
CA THR A 349 -14.57 -3.81 17.00
C THR A 349 -15.53 -4.99 17.03
N ALA A 350 -16.83 -4.72 16.89
CA ALA A 350 -17.81 -5.82 16.86
C ALA A 350 -17.67 -6.66 15.60
N VAL A 351 -17.65 -6.01 14.42
CA VAL A 351 -17.54 -6.76 13.18
C VAL A 351 -16.17 -7.42 13.08
N GLY A 352 -15.10 -6.68 13.40
CA GLY A 352 -13.77 -7.26 13.36
C GLY A 352 -13.64 -8.50 14.23
N LEU A 353 -14.27 -8.49 15.39
CA LEU A 353 -14.23 -9.67 16.25
C LEU A 353 -15.12 -10.79 15.74
N LEU A 354 -16.19 -10.46 15.00
CA LEU A 354 -16.96 -11.51 14.34
C LEU A 354 -16.20 -12.07 13.14
N ILE A 355 -15.38 -11.26 12.48
CA ILE A 355 -14.49 -11.77 11.45
C ILE A 355 -13.42 -12.66 12.08
N ALA A 356 -12.86 -12.24 13.22
CA ALA A 356 -11.94 -13.10 13.95
C ALA A 356 -12.62 -14.40 14.39
N ALA A 357 -13.85 -14.30 14.90
CA ALA A 357 -14.59 -15.48 15.32
C ALA A 357 -14.80 -16.43 14.14
N GLY A 358 -15.22 -15.90 13.00
CA GLY A 358 -15.39 -16.74 11.82
C GLY A 358 -14.12 -17.46 11.43
N GLY A 359 -12.99 -16.73 11.46
CA GLY A 359 -11.71 -17.37 11.18
C GLY A 359 -11.40 -18.51 12.13
N PHE A 360 -11.65 -18.30 13.43
CA PHE A 360 -11.36 -19.33 14.42
C PHE A 360 -12.35 -20.48 14.32
N TYR A 361 -13.60 -20.23 13.91
CA TYR A 361 -14.52 -21.33 13.70
C TYR A 361 -14.06 -22.20 12.54
N LEU A 362 -13.48 -21.59 11.50
CA LEU A 362 -12.94 -22.38 10.40
C LEU A 362 -11.72 -23.18 10.84
N ILE A 363 -10.82 -22.57 11.62
CA ILE A 363 -9.63 -23.26 12.10
C ILE A 363 -10.02 -24.46 12.97
N ALA A 364 -11.18 -24.38 13.63
CA ALA A 364 -11.65 -25.51 14.43
C ALA A 364 -11.99 -26.73 13.58
N GLN A 365 -12.18 -26.56 12.27
CA GLN A 365 -12.59 -27.65 11.39
C GLN A 365 -11.41 -28.31 10.67
N TRP A 366 -10.18 -27.94 11.01
CA TRP A 366 -9.02 -28.45 10.28
C TRP A 366 -8.88 -29.96 10.44
N PRO A 367 -8.70 -30.71 9.35
CA PRO A 367 -8.31 -32.12 9.46
C PRO A 367 -6.80 -32.27 9.47
N ALA A 368 -6.30 -33.50 9.64
CA ALA A 368 -4.86 -33.73 9.65
C ALA A 368 -4.23 -33.64 8.27
N ASP A 369 -5.03 -33.54 7.20
CA ASP A 369 -4.55 -33.33 5.84
C ASP A 369 -4.96 -31.95 5.32
N VAL A 370 -4.92 -30.93 6.19
CA VAL A 370 -5.45 -29.62 5.83
C VAL A 370 -4.62 -28.96 4.73
N LEU A 371 -3.31 -29.21 4.68
CA LEU A 371 -2.47 -28.62 3.64
C LEU A 371 -2.91 -29.04 2.24
N GLU A 372 -3.62 -30.16 2.11
CA GLU A 372 -4.09 -30.66 0.83
C GLU A 372 -5.48 -30.15 0.47
N SER A 373 -6.16 -29.48 1.39
CA SER A 373 -7.55 -29.10 1.23
C SER A 373 -7.71 -27.66 0.79
N ARG A 374 -8.86 -27.36 0.19
CA ARG A 374 -9.20 -26.03 -0.28
C ARG A 374 -10.66 -25.73 0.00
N HIS A 375 -10.97 -24.44 0.14
CA HIS A 375 -12.35 -23.99 0.11
C HIS A 375 -12.80 -23.86 -1.34
N ASP A 376 -13.91 -24.50 -1.67
CA ASP A 376 -14.45 -24.53 -3.03
C ASP A 376 -15.56 -23.49 -3.14
N LEU A 377 -15.27 -22.37 -3.80
CA LEU A 377 -16.27 -21.35 -4.09
C LEU A 377 -16.99 -21.61 -5.42
N GLY A 378 -16.97 -22.86 -5.89
CA GLY A 378 -17.61 -23.25 -7.14
C GLY A 378 -16.81 -22.94 -8.38
N PHE A 379 -16.33 -21.70 -8.50
CA PHE A 379 -15.67 -21.23 -9.71
C PHE A 379 -14.37 -20.50 -9.40
N VAL A 380 -13.95 -20.50 -8.13
CA VAL A 380 -12.57 -20.35 -7.71
C VAL A 380 -12.41 -21.17 -6.44
N SER A 381 -11.18 -21.56 -6.12
CA SER A 381 -10.93 -22.28 -4.87
C SER A 381 -9.68 -21.72 -4.21
N LEU A 382 -9.67 -21.80 -2.87
CA LEU A 382 -8.67 -21.13 -2.03
C LEU A 382 -8.08 -22.10 -1.02
N PRO A 383 -6.79 -21.97 -0.69
CA PRO A 383 -6.18 -22.87 0.30
C PRO A 383 -6.79 -22.68 1.69
N THR A 384 -7.13 -23.79 2.33
CA THR A 384 -7.81 -23.77 3.63
C THR A 384 -6.94 -23.12 4.69
N LEU A 385 -5.77 -23.72 4.95
CA LEU A 385 -4.86 -23.20 5.98
C LEU A 385 -4.66 -21.70 5.85
N ASP A 386 -4.25 -21.27 4.66
CA ASP A 386 -3.79 -19.89 4.47
C ASP A 386 -4.91 -18.89 4.66
N THR A 387 -6.12 -19.19 4.19
CA THR A 387 -7.20 -18.20 4.25
C THR A 387 -7.88 -18.17 5.62
N ASP A 388 -7.98 -19.30 6.32
CA ASP A 388 -8.54 -19.27 7.67
C ASP A 388 -7.67 -18.42 8.59
N LEU A 389 -6.35 -18.58 8.48
CA LEU A 389 -5.44 -17.74 9.24
C LEU A 389 -5.51 -16.29 8.81
N ALA A 390 -5.65 -16.04 7.51
CA ALA A 390 -5.81 -14.67 7.03
C ALA A 390 -7.06 -14.02 7.61
N ILE A 391 -8.18 -14.74 7.58
CA ILE A 391 -9.43 -14.20 8.11
C ILE A 391 -9.29 -13.91 9.60
N ALA A 392 -8.75 -14.88 10.35
CA ALA A 392 -8.62 -14.72 11.79
C ALA A 392 -7.72 -13.54 12.14
N GLY A 393 -6.57 -13.43 11.48
CA GLY A 393 -5.64 -12.35 11.78
C GLY A 393 -6.15 -10.99 11.32
N PHE A 394 -6.86 -10.96 10.19
CA PHE A 394 -7.45 -9.71 9.72
C PHE A 394 -8.51 -9.21 10.71
N GLY A 395 -9.34 -10.12 11.23
CA GLY A 395 -10.33 -9.72 12.22
C GLY A 395 -9.69 -9.14 13.47
N LEU A 396 -8.70 -9.82 14.02
CA LEU A 396 -7.98 -9.27 15.17
C LEU A 396 -7.29 -7.96 14.81
N GLY A 397 -6.81 -7.84 13.57
CA GLY A 397 -6.18 -6.60 13.16
C GLY A 397 -7.14 -5.42 13.15
N LEU A 398 -8.35 -5.63 12.65
CA LEU A 398 -9.35 -4.56 12.58
C LEU A 398 -9.64 -3.96 13.94
N VAL A 399 -9.35 -4.67 15.02
CA VAL A 399 -9.81 -4.31 16.36
C VAL A 399 -8.79 -3.42 17.09
N ILE A 400 -7.53 -3.43 16.66
CA ILE A 400 -6.46 -2.76 17.38
C ILE A 400 -6.72 -1.25 17.45
N ALA A 401 -6.93 -0.63 16.28
CA ALA A 401 -7.07 0.83 16.25
C ALA A 401 -8.33 1.32 16.94
N PRO A 402 -9.52 0.78 16.67
CA PRO A 402 -10.72 1.31 17.33
C PRO A 402 -10.77 1.01 18.83
N LEU A 403 -10.16 -0.07 19.30
CA LEU A 403 -10.07 -0.27 20.75
C LEU A 403 -9.22 0.81 21.40
N THR A 404 -8.07 1.13 20.80
CA THR A 404 -7.24 2.19 21.32
C THR A 404 -7.97 3.53 21.26
N SER A 405 -8.64 3.81 20.14
CA SER A 405 -9.41 5.03 20.00
C SER A 405 -10.43 5.18 21.13
N ALA A 406 -11.19 4.11 21.39
CA ALA A 406 -12.28 4.21 22.35
C ALA A 406 -11.78 4.29 23.79
N ALA A 407 -10.58 3.76 24.07
CA ALA A 407 -9.99 3.95 25.39
C ALA A 407 -9.54 5.39 25.57
N LEU A 408 -8.95 5.98 24.53
CA LEU A 408 -8.50 7.36 24.58
C LEU A 408 -9.66 8.36 24.54
N ARG A 409 -10.82 7.96 24.01
CA ARG A 409 -11.96 8.87 23.94
C ARG A 409 -12.47 9.26 25.32
N VAL A 410 -12.33 8.38 26.31
CA VAL A 410 -12.99 8.54 27.59
C VAL A 410 -11.98 8.88 28.69
N VAL A 411 -10.83 9.45 28.34
CA VAL A 411 -9.85 9.92 29.32
C VAL A 411 -9.43 11.34 28.95
N PRO A 412 -9.07 12.18 29.92
CA PRO A 412 -8.55 13.52 29.58
C PRO A 412 -7.21 13.46 28.88
N ALA A 413 -6.89 14.54 28.18
CA ALA A 413 -5.51 14.79 27.80
C ALA A 413 -4.63 14.79 29.04
N ALA A 414 -3.37 14.43 28.86
CA ALA A 414 -2.41 14.21 29.95
C ALA A 414 -2.80 13.03 30.83
N GLN A 415 -3.77 12.22 30.41
CA GLN A 415 -3.88 10.82 30.80
C GLN A 415 -3.68 9.91 29.60
N HIS A 416 -3.40 10.47 28.42
CA HIS A 416 -3.22 9.67 27.21
C HIS A 416 -2.13 8.64 27.38
N GLY A 417 -1.03 9.01 28.06
CA GLY A 417 0.10 8.09 28.16
C GLY A 417 -0.22 6.87 29.01
N ILE A 418 -0.76 7.09 30.21
CA ILE A 418 -1.12 5.97 31.07
C ILE A 418 -2.30 5.20 30.49
N ALA A 419 -3.18 5.89 29.76
CA ALA A 419 -4.31 5.19 29.13
C ALA A 419 -3.84 4.33 27.95
N SER A 420 -2.91 4.83 27.14
CA SER A 420 -2.36 4.03 26.05
C SER A 420 -1.64 2.81 26.60
N ALA A 421 -0.90 2.97 27.70
CA ALA A 421 -0.20 1.85 28.30
C ALA A 421 -1.19 0.80 28.80
N ALA A 422 -2.31 1.23 29.39
CA ALA A 422 -3.28 0.29 29.91
C ALA A 422 -3.83 -0.62 28.82
N VAL A 423 -4.13 -0.06 27.64
CA VAL A 423 -4.68 -0.86 26.55
C VAL A 423 -3.67 -1.92 26.11
N VAL A 424 -2.39 -1.54 26.00
CA VAL A 424 -1.38 -2.48 25.56
C VAL A 424 -1.11 -3.52 26.64
N VAL A 425 -0.98 -3.09 27.90
CA VAL A 425 -0.71 -4.04 28.99
C VAL A 425 -1.86 -5.03 29.14
N ALA A 426 -3.09 -4.58 28.90
CA ALA A 426 -4.22 -5.50 28.91
C ALA A 426 -4.10 -6.54 27.81
N ARG A 427 -3.70 -6.11 26.61
CA ARG A 427 -3.50 -7.05 25.51
C ARG A 427 -2.37 -8.02 25.83
N MET A 428 -1.25 -7.50 26.34
CA MET A 428 -0.10 -8.35 26.65
C MET A 428 -0.44 -9.34 27.76
N ILE A 429 -1.15 -8.88 28.80
CA ILE A 429 -1.55 -9.77 29.88
C ILE A 429 -2.58 -10.78 29.38
N GLY A 430 -3.48 -10.35 28.50
CA GLY A 430 -4.45 -11.26 27.93
C GLY A 430 -3.81 -12.39 27.15
N MET A 431 -2.67 -12.13 26.51
CA MET A 431 -1.94 -13.21 25.85
C MET A 431 -1.56 -14.31 26.83
N LEU A 432 -1.01 -13.91 27.98
CA LEU A 432 -0.53 -14.90 28.96
C LEU A 432 -1.68 -15.58 29.67
N ILE A 433 -2.73 -14.83 30.03
CA ILE A 433 -3.91 -15.42 30.63
C ILE A 433 -4.61 -16.33 29.64
N GLY A 434 -4.62 -15.95 28.37
CA GLY A 434 -5.29 -16.77 27.36
C GLY A 434 -4.71 -18.16 27.24
N ILE A 435 -3.38 -18.26 27.05
CA ILE A 435 -2.77 -19.59 26.91
C ILE A 435 -2.93 -20.40 28.19
N ALA A 436 -2.72 -19.77 29.34
CA ALA A 436 -2.82 -20.52 30.59
C ALA A 436 -4.21 -21.13 30.74
N ALA A 437 -5.25 -20.34 30.54
CA ALA A 437 -6.61 -20.82 30.76
C ALA A 437 -7.02 -21.84 29.70
N LEU A 438 -6.79 -21.54 28.42
CA LEU A 438 -7.23 -22.44 27.37
C LEU A 438 -6.35 -23.70 27.28
N SER A 439 -5.07 -23.59 27.66
CA SER A 439 -4.23 -24.78 27.72
C SER A 439 -4.64 -25.69 28.88
N ALA A 440 -5.04 -25.09 30.00
CA ALA A 440 -5.53 -25.87 31.14
C ALA A 440 -6.76 -26.68 30.73
N TRP A 441 -7.75 -26.03 30.11
CA TRP A 441 -8.95 -26.73 29.68
C TRP A 441 -8.65 -27.72 28.56
N GLY A 442 -7.79 -27.32 27.62
CA GLY A 442 -7.43 -28.23 26.54
C GLY A 442 -6.73 -29.49 27.04
N LEU A 443 -5.83 -29.33 28.01
CA LEU A 443 -5.15 -30.48 28.58
C LEU A 443 -6.12 -31.38 29.34
N TYR A 444 -7.04 -30.77 30.09
CA TYR A 444 -8.06 -31.56 30.78
C TYR A 444 -8.87 -32.40 29.80
N ARG A 445 -9.35 -31.79 28.72
CA ARG A 445 -10.18 -32.51 27.77
C ARG A 445 -9.37 -33.40 26.83
N PHE A 446 -8.09 -33.09 26.61
CA PHE A 446 -7.23 -34.02 25.88
C PHE A 446 -7.23 -35.39 26.54
N ASN A 447 -7.02 -35.42 27.87
CA ASN A 447 -6.95 -36.69 28.57
C ASN A 447 -8.27 -37.44 28.52
N GLN A 448 -9.40 -36.73 28.52
CA GLN A 448 -10.68 -37.41 28.39
C GLN A 448 -10.85 -37.96 26.98
N TYR A 449 -10.41 -37.22 25.95
CA TYR A 449 -10.41 -37.75 24.60
C TYR A 449 -9.47 -38.94 24.47
N LEU A 450 -8.34 -38.90 25.16
CA LEU A 450 -7.38 -40.01 25.08
C LEU A 450 -7.98 -41.29 25.65
N LYS A 451 -8.76 -41.18 26.74
CA LYS A 451 -9.51 -42.31 27.25
C LYS A 451 -10.43 -42.88 26.18
N GLU A 452 -11.11 -42.01 25.44
CA GLU A 452 -12.07 -42.45 24.43
C GLU A 452 -11.37 -43.12 23.25
N GLN A 453 -10.21 -42.61 22.84
CA GLN A 453 -9.51 -43.18 21.70
C GLN A 453 -8.93 -44.54 22.02
N LEU A 454 -8.23 -44.65 23.16
CA LEU A 454 -7.65 -45.93 23.57
C LEU A 454 -8.73 -47.00 23.73
N ALA A 455 -9.94 -46.62 24.15
CA ALA A 455 -11.01 -47.57 24.32
C ALA A 455 -11.58 -48.06 23.00
N ALA A 456 -11.40 -47.31 21.91
CA ALA A 456 -12.14 -47.51 20.69
C ALA A 456 -11.30 -47.98 19.51
N LEU A 457 -10.02 -47.64 19.46
CA LEU A 457 -9.16 -48.12 18.39
C LEU A 457 -9.09 -49.66 18.41
N PRO A 458 -8.92 -50.30 17.26
CA PRO A 458 -8.68 -51.74 17.25
C PRO A 458 -7.59 -52.12 18.24
N PRO A 459 -7.87 -53.03 19.18
CA PRO A 459 -6.91 -53.29 20.26
C PRO A 459 -5.54 -53.74 19.77
N ALA A 460 -5.41 -54.21 18.53
CA ALA A 460 -4.11 -54.45 17.93
C ALA A 460 -4.25 -54.42 16.42
N PRO A 461 -3.20 -54.08 15.69
CA PRO A 461 -3.18 -54.32 14.25
C PRO A 461 -2.79 -55.76 13.95
N ALA A 462 -3.07 -56.17 12.70
CA ALA A 462 -2.99 -57.59 12.35
C ALA A 462 -1.55 -58.07 12.14
N ASP A 463 -0.83 -57.45 11.20
CA ASP A 463 0.53 -57.88 10.82
C ASP A 463 1.41 -56.63 10.73
N PHE A 464 1.69 -56.04 11.88
CA PHE A 464 2.40 -54.77 11.87
C PHE A 464 3.89 -54.98 11.58
N PRO A 465 4.50 -54.14 10.76
CA PRO A 465 5.95 -54.24 10.53
C PRO A 465 6.72 -53.88 11.79
N GLY A 466 7.57 -54.81 12.25
CA GLY A 466 8.31 -54.65 13.48
C GLY A 466 7.75 -55.43 14.66
N GLY A 467 6.58 -56.05 14.50
CA GLY A 467 6.01 -56.88 15.55
C GLY A 467 5.04 -56.13 16.44
N GLN A 468 4.55 -56.86 17.45
CA GLN A 468 3.40 -56.38 18.21
C GLN A 468 3.70 -55.16 19.08
N MET A 469 4.92 -55.06 19.62
CA MET A 469 5.22 -53.85 20.40
C MET A 469 5.27 -52.61 19.51
N ALA A 470 5.71 -52.75 18.26
CA ALA A 470 5.64 -51.64 17.33
C ALA A 470 4.19 -51.30 17.01
N GLY A 471 3.33 -52.31 16.90
CA GLY A 471 1.92 -52.05 16.69
C GLY A 471 1.25 -51.40 17.87
N GLN A 472 1.67 -51.78 19.09
CA GLN A 472 1.12 -51.15 20.29
C GLN A 472 1.63 -49.72 20.46
N MET A 473 2.90 -49.48 20.14
CA MET A 473 3.40 -48.11 20.15
C MET A 473 2.67 -47.24 19.13
N MET A 474 2.45 -47.77 17.92
CA MET A 474 1.71 -47.02 16.91
C MET A 474 0.26 -46.81 17.34
N ARG A 475 -0.34 -47.78 18.03
CA ARG A 475 -1.68 -47.57 18.58
C ARG A 475 -1.68 -46.42 19.57
N LEU A 476 -0.66 -46.34 20.43
CA LEU A 476 -0.56 -45.27 21.39
C LEU A 476 -0.31 -43.93 20.71
N ARG A 477 0.57 -43.91 19.70
CA ARG A 477 0.77 -42.70 18.90
C ARG A 477 -0.54 -42.28 18.23
N THR A 478 -1.22 -43.24 17.58
CA THR A 478 -2.49 -42.96 16.93
C THR A 478 -3.50 -42.37 17.91
N ALA A 479 -3.54 -42.89 19.13
CA ALA A 479 -4.47 -42.36 20.13
C ALA A 479 -4.14 -40.93 20.50
N THR A 480 -2.86 -40.61 20.69
CA THR A 480 -2.50 -39.24 21.09
C THR A 480 -2.78 -38.25 19.97
N VAL A 481 -2.51 -38.63 18.71
CA VAL A 481 -2.76 -37.73 17.60
C VAL A 481 -4.27 -37.49 17.45
N GLN A 482 -5.06 -38.56 17.48
CA GLN A 482 -6.50 -38.41 17.36
C GLN A 482 -7.06 -37.55 18.50
N ALA A 483 -6.56 -37.77 19.72
CA ALA A 483 -7.02 -36.97 20.85
C ALA A 483 -6.56 -35.53 20.73
N TYR A 484 -5.36 -35.31 20.21
CA TYR A 484 -4.87 -33.94 20.05
C TYR A 484 -5.71 -33.17 19.03
N VAL A 485 -6.14 -33.84 17.96
CA VAL A 485 -6.97 -33.19 16.94
C VAL A 485 -8.35 -32.86 17.51
N LEU A 486 -8.86 -33.67 18.45
CA LEU A 486 -10.13 -33.34 19.08
C LEU A 486 -9.97 -32.18 20.06
N GLN A 487 -8.88 -32.14 20.83
CA GLN A 487 -8.58 -30.98 21.66
C GLN A 487 -8.52 -29.72 20.82
N TYR A 488 -7.78 -29.77 19.71
CA TYR A 488 -7.58 -28.61 18.86
C TYR A 488 -8.90 -27.98 18.43
N GLY A 489 -9.90 -28.82 18.13
CA GLY A 489 -11.20 -28.29 17.73
C GLY A 489 -11.85 -27.46 18.83
N GLU A 490 -11.98 -28.03 20.02
CA GLU A 490 -12.67 -27.32 21.11
C GLU A 490 -11.97 -26.00 21.42
N ILE A 491 -10.64 -25.98 21.44
CA ILE A 491 -9.92 -24.77 21.78
C ILE A 491 -10.32 -23.62 20.86
N PHE A 492 -10.34 -23.87 19.56
CA PHE A 492 -10.69 -22.81 18.61
C PHE A 492 -12.19 -22.58 18.52
N ALA A 493 -13.00 -23.57 18.88
CA ALA A 493 -14.44 -23.34 19.03
C ALA A 493 -14.71 -22.40 20.21
N ILE A 494 -14.02 -22.60 21.33
CA ILE A 494 -14.15 -21.68 22.46
C ILE A 494 -13.56 -20.32 22.11
N THR A 495 -12.42 -20.31 21.43
CA THR A 495 -11.80 -19.05 21.02
C THR A 495 -12.74 -18.25 20.14
N ALA A 496 -13.47 -18.93 19.26
CA ALA A 496 -14.49 -18.26 18.45
C ALA A 496 -15.60 -17.70 19.33
N GLY A 497 -16.09 -18.50 20.28
CA GLY A 497 -17.13 -18.03 21.17
C GLY A 497 -16.71 -16.82 21.97
N LEU A 498 -15.47 -16.83 22.48
CA LEU A 498 -14.97 -15.68 23.24
C LEU A 498 -14.83 -14.45 22.36
N CYS A 499 -14.48 -14.63 21.09
CA CYS A 499 -14.46 -13.50 20.17
C CYS A 499 -15.86 -12.92 19.97
N VAL A 500 -16.88 -13.77 19.92
CA VAL A 500 -18.25 -13.27 19.84
C VAL A 500 -18.63 -12.54 21.12
N PHE A 501 -18.24 -13.10 22.27
CA PHE A 501 -18.44 -12.41 23.54
C PHE A 501 -17.75 -11.04 23.52
N GLY A 502 -16.53 -10.98 22.98
CA GLY A 502 -15.86 -9.71 22.83
C GLY A 502 -16.56 -8.79 21.85
N ALA A 503 -17.08 -9.36 20.76
CA ALA A 503 -17.82 -8.54 19.79
C ALA A 503 -19.04 -7.90 20.43
N VAL A 504 -19.72 -8.64 21.31
CA VAL A 504 -20.86 -8.07 22.02
C VAL A 504 -20.41 -6.95 22.95
N LEU A 505 -19.33 -7.19 23.72
CA LEU A 505 -18.76 -6.13 24.53
C LEU A 505 -18.39 -4.91 23.69
N GLY A 506 -17.99 -5.14 22.43
CA GLY A 506 -17.65 -4.06 21.53
C GLY A 506 -18.75 -3.03 21.38
N LEU A 507 -19.99 -3.43 21.66
CA LEU A 507 -21.13 -2.53 21.54
C LEU A 507 -21.34 -1.68 22.79
N PHE A 508 -20.59 -1.93 23.85
CA PHE A 508 -20.62 -1.13 25.07
C PHE A 508 -19.33 -0.34 25.24
N ILE A 509 -18.52 -0.29 24.19
CA ILE A 509 -17.40 0.61 23.99
C ILE A 509 -17.96 2.03 23.82
N ALA A 510 -17.10 3.05 23.89
CA ALA A 510 -17.52 4.43 23.83
C ALA A 510 -17.88 4.86 22.40
N GLY A 511 -18.55 6.01 22.30
CA GLY A 511 -18.96 6.57 21.02
C GLY A 511 -19.15 8.06 21.06
N GLN B 4 -16.32 -42.49 20.68
CA GLN B 4 -15.52 -43.62 20.12
C GLN B 4 -14.61 -43.14 18.97
N GLY B 5 -13.87 -44.07 18.34
CA GLY B 5 -12.85 -43.74 17.37
C GLY B 5 -12.34 -44.95 16.61
N GLN B 6 -13.27 -45.76 16.10
CA GLN B 6 -13.05 -47.14 15.70
C GLN B 6 -12.56 -47.30 14.25
N LEU B 7 -12.19 -48.54 13.92
CA LEU B 7 -11.98 -48.99 12.53
C LEU B 7 -12.35 -50.47 12.50
N VAL B 8 -13.57 -50.79 12.07
CA VAL B 8 -14.10 -52.15 12.15
C VAL B 8 -14.60 -52.58 10.76
N GLU B 9 -13.87 -53.48 10.13
CA GLU B 9 -14.21 -53.99 8.80
C GLU B 9 -15.34 -55.01 8.86
N SER B 10 -16.09 -55.10 7.76
CA SER B 10 -17.02 -56.18 7.52
C SER B 10 -17.34 -56.23 6.04
N GLY B 11 -17.89 -57.37 5.60
CA GLY B 11 -18.40 -57.52 4.24
C GLY B 11 -17.63 -58.44 3.33
N GLY B 12 -16.57 -59.10 3.82
CA GLY B 12 -15.85 -60.06 2.99
C GLY B 12 -16.61 -61.35 2.81
N GLY B 13 -16.25 -62.08 1.76
CA GLY B 13 -16.90 -63.35 1.47
C GLY B 13 -16.39 -63.94 0.17
N LEU B 14 -16.97 -65.09 -0.18
CA LEU B 14 -16.65 -65.76 -1.43
C LEU B 14 -17.40 -65.11 -2.59
N VAL B 15 -16.72 -64.93 -3.72
CA VAL B 15 -17.27 -64.26 -4.88
C VAL B 15 -16.88 -65.04 -6.14
N GLN B 16 -17.85 -65.25 -7.04
CA GLN B 16 -17.55 -65.79 -8.35
C GLN B 16 -16.98 -64.69 -9.24
N PRO B 17 -15.97 -65.00 -10.07
CA PRO B 17 -15.37 -63.94 -10.90
C PRO B 17 -16.44 -63.16 -11.67
N GLY B 18 -16.24 -61.83 -11.73
CA GLY B 18 -17.22 -60.93 -12.27
C GLY B 18 -18.24 -60.44 -11.27
N GLY B 19 -18.29 -61.02 -10.06
CA GLY B 19 -19.24 -60.63 -9.05
C GLY B 19 -18.85 -59.37 -8.31
N SER B 20 -19.48 -59.15 -7.17
CA SER B 20 -19.33 -57.89 -6.46
C SER B 20 -19.48 -58.08 -4.95
N LEU B 21 -18.89 -57.15 -4.21
CA LEU B 21 -19.04 -57.05 -2.76
C LEU B 21 -19.03 -55.59 -2.35
N ARG B 22 -19.60 -55.30 -1.19
CA ARG B 22 -19.44 -54.00 -0.54
C ARG B 22 -18.80 -54.22 0.82
N LEU B 23 -17.52 -53.86 0.93
CA LEU B 23 -16.85 -53.83 2.22
C LEU B 23 -17.26 -52.56 2.97
N SER B 24 -17.41 -52.68 4.29
CA SER B 24 -17.75 -51.55 5.13
C SER B 24 -16.75 -51.46 6.28
N CYS B 25 -16.57 -50.23 6.77
CA CYS B 25 -15.58 -49.93 7.81
C CYS B 25 -16.22 -48.94 8.78
N ALA B 26 -16.69 -49.45 9.92
CA ALA B 26 -17.36 -48.61 10.90
C ALA B 26 -16.34 -47.78 11.68
N ASP B 27 -16.72 -46.54 11.97
CA ASP B 27 -15.85 -45.55 12.59
C ASP B 27 -16.71 -44.71 13.53
N ALA B 28 -16.15 -43.61 14.04
CA ALA B 28 -16.89 -42.66 14.87
C ALA B 28 -16.79 -41.27 14.27
N GLY B 29 -17.94 -40.58 14.19
CA GLY B 29 -18.00 -39.27 13.55
C GLY B 29 -17.09 -38.23 14.17
N SER B 30 -16.59 -38.49 15.39
CA SER B 30 -15.62 -37.58 15.99
C SER B 30 -14.39 -37.41 15.11
N ILE B 31 -13.97 -38.47 14.45
CA ILE B 31 -12.66 -38.55 13.81
C ILE B 31 -12.79 -39.09 12.38
N PHE B 32 -13.96 -39.67 12.07
CA PHE B 32 -14.24 -40.19 10.73
C PHE B 32 -13.92 -39.18 9.64
N ASN B 33 -14.16 -37.89 9.90
CA ASN B 33 -14.03 -36.85 8.90
C ASN B 33 -12.81 -35.96 9.10
N LYS B 34 -11.89 -36.31 10.00
CA LYS B 34 -10.75 -35.47 10.32
C LYS B 34 -9.42 -36.04 9.83
N PHE B 35 -9.41 -37.22 9.22
CA PHE B 35 -8.20 -37.84 8.73
C PHE B 35 -8.44 -38.42 7.35
N PRO B 36 -7.39 -38.60 6.54
CA PRO B 36 -7.51 -39.41 5.34
C PRO B 36 -7.68 -40.88 5.70
N MET B 37 -8.40 -41.60 4.84
CA MET B 37 -8.65 -43.03 5.02
C MET B 37 -8.19 -43.77 3.78
N ALA B 38 -8.01 -45.09 3.93
CA ALA B 38 -7.62 -45.92 2.80
C ALA B 38 -8.07 -47.36 3.04
N TRP B 39 -8.10 -48.13 1.96
CA TRP B 39 -8.22 -49.58 2.03
C TRP B 39 -6.94 -50.22 1.48
N TYR B 40 -6.49 -51.28 2.15
CA TYR B 40 -5.25 -51.96 1.80
C TYR B 40 -5.50 -53.45 1.62
N ARG B 41 -4.78 -54.04 0.65
CA ARG B 41 -4.71 -55.48 0.43
C ARG B 41 -3.56 -56.11 1.22
N GLN B 42 -3.69 -57.41 1.46
CA GLN B 42 -2.54 -58.28 1.68
C GLN B 42 -2.78 -59.57 0.90
N ARG B 48 1.77 -55.45 2.22
CA ARG B 48 0.57 -54.63 2.10
C ARG B 48 0.54 -53.92 0.75
N GLU B 49 -0.65 -53.52 0.31
CA GLU B 49 -0.83 -52.94 -1.01
C GLU B 49 -2.04 -52.02 -0.98
N LEU B 50 -1.81 -50.75 -1.34
CA LEU B 50 -2.89 -49.76 -1.31
C LEU B 50 -3.92 -50.06 -2.40
N VAL B 51 -5.20 -50.03 -2.02
CA VAL B 51 -6.30 -50.21 -2.96
C VAL B 51 -6.86 -48.84 -3.31
N ALA B 52 -7.27 -48.09 -2.29
CA ALA B 52 -7.98 -46.84 -2.47
C ALA B 52 -7.70 -45.93 -1.28
N ARG B 53 -7.68 -44.63 -1.55
CA ARG B 53 -7.41 -43.61 -0.54
C ARG B 53 -8.42 -42.48 -0.73
N ILE B 54 -8.84 -41.87 0.37
CA ILE B 54 -9.78 -40.76 0.33
C ILE B 54 -9.34 -39.73 1.36
N SER B 55 -9.26 -38.47 0.94
CA SER B 55 -8.92 -37.39 1.86
C SER B 55 -10.09 -37.15 2.81
N SER B 56 -9.82 -36.35 3.85
CA SER B 56 -10.88 -36.01 4.80
C SER B 56 -12.10 -35.40 4.12
N GLY B 57 -11.89 -34.65 3.04
CA GLY B 57 -12.96 -33.99 2.31
C GLY B 57 -13.53 -34.76 1.15
N GLY B 58 -13.01 -35.94 0.83
CA GLY B 58 -13.60 -36.82 -0.16
C GLY B 58 -12.85 -36.99 -1.47
N SER B 59 -11.65 -36.44 -1.59
CA SER B 59 -10.86 -36.61 -2.82
C SER B 59 -10.32 -38.04 -2.91
N THR B 60 -10.78 -38.79 -3.92
CA THR B 60 -10.43 -40.19 -4.06
C THR B 60 -9.14 -40.39 -4.85
N ASN B 61 -8.51 -41.53 -4.61
CA ASN B 61 -7.27 -41.92 -5.30
C ASN B 61 -7.19 -43.43 -5.28
N TYR B 62 -6.73 -44.02 -6.38
CA TYR B 62 -6.76 -45.46 -6.57
C TYR B 62 -5.44 -45.97 -7.15
N ALA B 63 -5.20 -47.26 -6.99
CA ALA B 63 -4.06 -47.94 -7.58
C ALA B 63 -4.36 -48.29 -9.04
N ASP B 64 -3.36 -48.87 -9.72
CA ASP B 64 -3.51 -49.19 -11.14
C ASP B 64 -4.44 -50.39 -11.35
N PHE B 65 -4.34 -51.41 -10.49
CA PHE B 65 -5.12 -52.63 -10.68
C PHE B 65 -6.63 -52.42 -10.50
N VAL B 66 -7.06 -51.24 -10.06
CA VAL B 66 -8.48 -51.01 -9.78
C VAL B 66 -9.24 -50.78 -11.09
N LYS B 67 -8.63 -50.11 -12.06
CA LYS B 67 -9.22 -49.89 -13.39
C LYS B 67 -10.65 -49.37 -13.30
N GLY B 68 -10.96 -48.55 -12.29
CA GLY B 68 -12.29 -47.99 -12.14
C GLY B 68 -13.35 -48.97 -11.72
N ARG B 69 -12.96 -50.15 -11.24
CA ARG B 69 -13.89 -51.22 -10.88
C ARG B 69 -14.42 -51.11 -9.46
N PHE B 70 -13.79 -50.29 -8.61
CA PHE B 70 -14.21 -50.10 -7.23
C PHE B 70 -14.55 -48.62 -6.99
N THR B 71 -15.21 -48.34 -5.87
CA THR B 71 -15.36 -46.97 -5.39
C THR B 71 -15.22 -46.93 -3.88
N ILE B 72 -14.42 -46.00 -3.37
CA ILE B 72 -14.29 -45.72 -1.95
C ILE B 72 -15.18 -44.52 -1.62
N SER B 73 -15.97 -44.63 -0.54
CA SER B 73 -16.92 -43.57 -0.21
C SER B 73 -17.16 -43.54 1.30
N ARG B 74 -17.67 -42.40 1.76
CA ARG B 74 -18.06 -42.18 3.15
C ARG B 74 -19.57 -42.08 3.28
N ASP B 75 -20.10 -42.68 4.35
CA ASP B 75 -21.50 -42.49 4.76
C ASP B 75 -21.48 -41.92 6.18
N ASN B 76 -21.84 -40.64 6.31
CA ASN B 76 -21.75 -39.96 7.59
C ASN B 76 -22.90 -40.29 8.53
N ALA B 77 -23.98 -40.88 8.03
CA ALA B 77 -25.12 -41.21 8.88
C ALA B 77 -24.77 -42.34 9.85
N LYS B 78 -24.09 -43.37 9.36
CA LYS B 78 -23.58 -44.44 10.21
C LYS B 78 -22.06 -44.38 10.36
N SER B 79 -21.43 -43.31 9.89
CA SER B 79 -19.98 -43.13 9.98
C SER B 79 -19.25 -44.40 9.53
N THR B 80 -19.52 -44.80 8.29
CA THR B 80 -18.90 -45.97 7.69
C THR B 80 -18.21 -45.59 6.39
N LEU B 81 -16.96 -46.01 6.25
CA LEU B 81 -16.25 -46.01 4.97
C LEU B 81 -16.58 -47.31 4.23
N TYR B 82 -16.76 -47.21 2.92
CA TYR B 82 -17.11 -48.37 2.11
C TYR B 82 -16.16 -48.53 0.93
N LEU B 83 -15.96 -49.79 0.51
CA LEU B 83 -15.54 -50.13 -0.85
C LEU B 83 -16.69 -50.88 -1.51
N GLN B 84 -17.29 -50.28 -2.53
CA GLN B 84 -18.08 -51.05 -3.47
C GLN B 84 -17.12 -51.66 -4.49
N MET B 85 -17.06 -52.99 -4.54
CA MET B 85 -16.19 -53.71 -5.46
C MET B 85 -17.05 -54.45 -6.46
N ASN B 86 -16.89 -54.11 -7.74
CA ASN B 86 -17.64 -54.71 -8.83
C ASN B 86 -16.69 -55.38 -9.81
N SER B 87 -17.20 -56.38 -10.53
CA SER B 87 -16.43 -57.11 -11.52
C SER B 87 -15.11 -57.62 -10.93
N LEU B 88 -15.23 -58.33 -9.82
CA LEU B 88 -14.07 -58.86 -9.10
C LEU B 88 -13.38 -59.96 -9.90
N LYS B 89 -12.06 -60.03 -9.77
CA LYS B 89 -11.20 -60.96 -10.49
C LYS B 89 -10.44 -61.85 -9.50
N PRO B 90 -9.98 -63.03 -9.93
CA PRO B 90 -9.21 -63.89 -9.02
C PRO B 90 -8.04 -63.19 -8.36
N GLU B 91 -7.41 -62.25 -9.06
CA GLU B 91 -6.25 -61.54 -8.54
C GLU B 91 -6.60 -60.64 -7.35
N ASP B 92 -7.88 -60.35 -7.13
CA ASP B 92 -8.31 -59.50 -6.02
C ASP B 92 -8.43 -60.26 -4.70
N THR B 93 -8.13 -61.56 -4.69
CA THR B 93 -8.22 -62.36 -3.47
C THR B 93 -7.18 -61.87 -2.45
N ALA B 94 -7.65 -61.45 -1.28
CA ALA B 94 -6.75 -60.85 -0.29
C ALA B 94 -7.52 -60.58 1.01
N MET B 95 -6.76 -60.33 2.06
CA MET B 95 -7.28 -59.64 3.24
C MET B 95 -7.35 -58.15 2.93
N TYR B 96 -8.50 -57.55 3.19
CA TYR B 96 -8.70 -56.11 2.99
C TYR B 96 -8.81 -55.43 4.35
N TYR B 97 -8.07 -54.34 4.49
CA TYR B 97 -8.03 -53.55 5.72
C TYR B 97 -8.46 -52.13 5.41
N CYS B 98 -9.24 -51.53 6.29
CA CYS B 98 -9.50 -50.10 6.24
C CYS B 98 -8.58 -49.41 7.24
N ALA B 99 -7.88 -48.40 6.77
CA ALA B 99 -6.82 -47.76 7.52
C ALA B 99 -7.10 -46.27 7.66
N ARG B 100 -6.76 -45.72 8.82
CA ARG B 100 -6.72 -44.28 9.02
C ARG B 100 -5.27 -43.83 8.89
N ILE B 101 -5.05 -42.83 8.05
CA ILE B 101 -3.71 -42.33 7.78
C ILE B 101 -3.43 -41.19 8.75
N ILE B 102 -2.59 -41.46 9.74
CA ILE B 102 -2.42 -40.57 10.89
C ILE B 102 -1.49 -39.42 10.56
N ASN B 103 -0.54 -39.61 9.65
CA ASN B 103 0.23 -38.53 9.06
C ASN B 103 0.19 -38.70 7.55
N SER B 104 -0.34 -37.70 6.85
CA SER B 104 -0.55 -37.80 5.41
C SER B 104 0.75 -37.64 4.64
N ALA B 105 1.67 -36.82 5.14
CA ALA B 105 2.94 -36.60 4.44
C ALA B 105 3.82 -37.84 4.46
N SER B 106 3.90 -38.52 5.60
CA SER B 106 4.64 -39.77 5.73
C SER B 106 3.78 -41.00 5.47
N ASN B 107 2.48 -40.81 5.26
CA ASN B 107 1.52 -41.90 5.04
C ASN B 107 1.67 -43.00 6.10
N ILE B 108 1.92 -42.57 7.34
CA ILE B 108 1.86 -43.46 8.50
C ILE B 108 0.39 -43.73 8.82
N ALA B 109 0.06 -45.00 9.05
CA ALA B 109 -1.34 -45.43 9.13
C ALA B 109 -1.55 -46.41 10.27
N TYR B 110 -2.82 -46.59 10.63
CA TYR B 110 -3.25 -47.61 11.59
C TYR B 110 -4.50 -48.29 11.05
N TRP B 111 -4.66 -49.56 11.42
CA TRP B 111 -5.73 -50.39 10.86
C TRP B 111 -6.03 -51.53 11.83
N GLY B 112 -7.15 -52.22 11.59
CA GLY B 112 -7.62 -53.27 12.45
C GLY B 112 -7.41 -54.66 11.87
N GLN B 113 -8.11 -55.64 12.46
CA GLN B 113 -8.17 -56.97 11.87
C GLN B 113 -9.06 -56.92 10.63
N GLY B 114 -8.51 -57.31 9.49
CA GLY B 114 -9.15 -57.07 8.21
C GLY B 114 -10.35 -57.97 7.97
N THR B 115 -10.78 -57.99 6.72
CA THR B 115 -11.83 -58.88 6.24
C THR B 115 -11.35 -59.53 4.95
N ARG B 116 -11.50 -60.85 4.85
CA ARG B 116 -10.91 -61.60 3.74
C ARG B 116 -11.91 -61.73 2.59
N VAL B 117 -11.40 -61.52 1.38
CA VAL B 117 -12.16 -61.61 0.15
C VAL B 117 -11.51 -62.66 -0.73
N THR B 118 -12.31 -63.61 -1.23
CA THR B 118 -11.81 -64.70 -2.07
C THR B 118 -12.68 -64.79 -3.31
N VAL B 119 -12.04 -64.77 -4.48
CA VAL B 119 -12.76 -64.69 -5.75
C VAL B 119 -12.59 -65.98 -6.54
N THR C 17 -5.24 -14.69 -40.10
CA THR C 17 -5.56 -15.47 -38.91
C THR C 17 -6.40 -14.59 -37.97
N SER C 18 -6.86 -15.18 -36.86
CA SER C 18 -7.84 -14.52 -36.01
C SER C 18 -7.24 -13.46 -35.08
N ARG C 19 -5.91 -13.39 -34.94
CA ARG C 19 -5.32 -12.48 -33.97
C ARG C 19 -5.62 -11.01 -34.29
N GLY C 20 -5.69 -10.65 -35.57
CA GLY C 20 -6.01 -9.27 -35.91
C GLY C 20 -7.38 -8.86 -35.45
N ILE C 21 -8.36 -9.76 -35.58
CA ILE C 21 -9.69 -9.52 -35.03
C ILE C 21 -9.63 -9.47 -33.51
N ALA C 22 -8.86 -10.38 -32.91
CA ALA C 22 -8.80 -10.48 -31.46
C ALA C 22 -8.31 -9.18 -30.83
N ILE C 23 -7.17 -8.67 -31.30
CA ILE C 23 -6.62 -7.45 -30.71
C ILE C 23 -7.44 -6.23 -31.08
N SER C 24 -8.24 -6.29 -32.16
CA SER C 24 -9.16 -5.20 -32.45
C SER C 24 -10.27 -5.11 -31.41
N ALA C 25 -10.75 -6.26 -30.94
CA ALA C 25 -11.73 -6.26 -29.86
C ALA C 25 -11.09 -5.79 -28.55
N GLY C 26 -9.83 -6.17 -28.31
CA GLY C 26 -9.13 -5.67 -27.14
C GLY C 26 -8.93 -4.16 -27.19
N GLY C 27 -8.56 -3.63 -28.36
CA GLY C 27 -8.39 -2.19 -28.48
C GLY C 27 -9.65 -1.42 -28.13
N LEU C 28 -10.80 -1.90 -28.61
CA LEU C 28 -12.06 -1.22 -28.31
C LEU C 28 -12.38 -1.29 -26.83
N ALA C 29 -12.08 -2.42 -26.18
CA ALA C 29 -12.29 -2.51 -24.74
C ALA C 29 -11.42 -1.52 -24.00
N VAL C 30 -10.13 -1.44 -24.38
CA VAL C 30 -9.22 -0.48 -23.77
C VAL C 30 -9.73 0.94 -23.98
N LEU C 31 -10.22 1.24 -25.18
CA LEU C 31 -10.76 2.57 -25.46
C LEU C 31 -11.95 2.88 -24.54
N LEU C 32 -12.86 1.92 -24.38
CA LEU C 32 -14.01 2.12 -23.50
C LEU C 32 -13.57 2.42 -22.07
N GLY C 33 -12.63 1.62 -21.55
CA GLY C 33 -12.14 1.87 -20.20
C GLY C 33 -11.45 3.21 -20.06
N ALA C 34 -10.66 3.58 -21.09
CA ALA C 34 -9.92 4.84 -21.03
C ALA C 34 -10.85 6.06 -21.07
N LEU C 35 -11.97 5.97 -21.78
CA LEU C 35 -12.94 7.06 -21.75
C LEU C 35 -13.38 7.36 -20.32
N ASP C 36 -13.61 6.30 -19.54
CA ASP C 36 -14.18 6.43 -18.20
C ASP C 36 -13.25 7.16 -17.24
N THR C 37 -11.96 7.26 -17.55
CA THR C 37 -10.98 7.76 -16.59
C THR C 37 -11.28 9.21 -16.22
N TYR C 38 -11.26 10.11 -17.20
CA TYR C 38 -11.40 11.54 -16.95
C TYR C 38 -12.74 12.11 -17.41
N VAL C 39 -13.80 11.29 -17.54
CA VAL C 39 -15.11 11.85 -17.87
C VAL C 39 -15.51 12.88 -16.82
N VAL C 40 -15.29 12.54 -15.54
CA VAL C 40 -15.80 13.30 -14.40
C VAL C 40 -15.34 14.75 -14.48
N VAL C 41 -14.26 15.02 -15.21
CA VAL C 41 -13.74 16.38 -15.34
C VAL C 41 -14.83 17.32 -15.84
N SER C 42 -15.54 16.92 -16.90
CA SER C 42 -16.58 17.75 -17.50
C SER C 42 -17.93 17.58 -16.81
N ILE C 43 -17.95 17.01 -15.62
CA ILE C 43 -19.19 16.50 -15.02
C ILE C 43 -19.26 16.83 -13.53
N VAL C 44 -18.19 17.44 -12.99
CA VAL C 44 -18.09 17.69 -11.55
C VAL C 44 -19.34 18.44 -11.05
N THR C 45 -19.66 19.56 -11.68
CA THR C 45 -20.68 20.47 -11.15
C THR C 45 -22.03 19.79 -11.03
N ASP C 46 -22.40 18.96 -12.02
CA ASP C 46 -23.68 18.25 -11.95
C ASP C 46 -23.71 17.29 -10.78
N ILE C 47 -22.61 16.58 -10.54
CA ILE C 47 -22.55 15.65 -9.41
C ILE C 47 -22.70 16.39 -8.10
N MET C 48 -22.03 17.53 -7.95
CA MET C 48 -22.10 18.29 -6.71
C MET C 48 -23.54 18.67 -6.37
N ARG C 49 -24.35 18.94 -7.39
CA ARG C 49 -25.72 19.40 -7.17
C ARG C 49 -26.64 18.26 -6.75
N ASP C 50 -26.42 17.04 -7.24
CA ASP C 50 -27.22 15.89 -6.80
C ASP C 50 -26.71 15.35 -5.46
N VAL C 51 -25.39 15.37 -5.24
CA VAL C 51 -24.82 14.78 -4.04
C VAL C 51 -25.04 15.67 -2.83
N GLY C 52 -25.17 16.99 -3.03
CA GLY C 52 -25.32 17.92 -1.94
C GLY C 52 -24.05 18.68 -1.58
N ILE C 53 -23.00 18.59 -2.39
CA ILE C 53 -21.75 19.28 -2.11
C ILE C 53 -21.89 20.75 -2.49
N ALA C 54 -21.54 21.63 -1.56
CA ALA C 54 -21.51 23.06 -1.82
C ALA C 54 -20.31 23.42 -2.67
N VAL C 55 -20.40 24.55 -3.37
CA VAL C 55 -19.25 25.05 -4.12
C VAL C 55 -18.12 25.44 -3.16
N ASN C 56 -18.45 25.64 -1.87
CA ASN C 56 -17.43 25.73 -0.83
C ASN C 56 -16.60 24.46 -0.71
N GLN C 57 -17.11 23.33 -1.21
CA GLN C 57 -16.66 22.01 -0.81
C GLN C 57 -16.15 21.16 -1.98
N ILE C 58 -15.60 21.81 -3.02
CA ILE C 58 -15.10 21.07 -4.17
C ILE C 58 -14.02 20.07 -3.76
N GLN C 59 -13.33 20.33 -2.64
CA GLN C 59 -12.33 19.37 -2.17
C GLN C 59 -12.95 17.99 -1.95
N ARG C 60 -14.20 17.95 -1.48
CA ARG C 60 -14.85 16.66 -1.22
C ARG C 60 -15.28 15.94 -2.49
N VAL C 61 -15.18 16.58 -3.65
CA VAL C 61 -15.40 15.88 -4.91
C VAL C 61 -14.30 14.85 -5.15
N THR C 62 -13.07 15.18 -4.76
CA THR C 62 -11.91 14.55 -5.38
C THR C 62 -11.82 13.03 -5.19
N PRO C 63 -12.41 12.41 -4.15
CA PRO C 63 -12.42 10.93 -4.10
C PRO C 63 -13.05 10.31 -5.34
N ILE C 64 -13.82 11.09 -6.11
CA ILE C 64 -14.40 10.59 -7.35
C ILE C 64 -13.33 10.32 -8.41
N ILE C 65 -12.18 10.96 -8.32
CA ILE C 65 -11.05 10.64 -9.18
C ILE C 65 -9.96 9.87 -8.43
N THR C 66 -9.69 10.23 -7.17
CA THR C 66 -8.63 9.53 -6.45
C THR C 66 -9.05 8.12 -6.05
N GLY C 67 -10.35 7.90 -5.83
CA GLY C 67 -10.82 6.54 -5.59
C GLY C 67 -10.77 5.69 -6.84
N TYR C 68 -11.08 6.28 -7.99
CA TYR C 68 -10.92 5.59 -9.26
C TYR C 68 -9.45 5.23 -9.49
N LEU C 69 -8.56 6.22 -9.36
CA LEU C 69 -7.12 5.97 -9.56
C LEU C 69 -6.61 4.94 -8.56
N LEU C 70 -7.07 5.03 -7.31
CA LEU C 70 -6.65 4.08 -6.28
C LEU C 70 -6.92 2.65 -6.71
N GLY C 71 -8.17 2.35 -7.08
CA GLY C 71 -8.47 1.02 -7.59
C GLY C 71 -7.74 0.71 -8.88
N TYR C 72 -7.61 1.70 -9.75
CA TYR C 72 -6.99 1.51 -11.07
C TYR C 72 -5.57 0.99 -10.94
N ILE C 73 -4.77 1.61 -10.06
CA ILE C 73 -3.35 1.30 -9.96
C ILE C 73 -3.10 0.10 -9.05
N ALA C 74 -3.75 0.07 -7.88
CA ALA C 74 -3.40 -0.91 -6.86
C ALA C 74 -3.76 -2.33 -7.29
N ALA C 75 -4.90 -2.50 -7.97
CA ALA C 75 -5.35 -3.82 -8.39
C ALA C 75 -4.69 -4.31 -9.68
N MET C 76 -3.86 -3.48 -10.32
CA MET C 76 -3.39 -3.80 -11.67
C MET C 76 -2.39 -4.96 -11.68
N PRO C 77 -1.44 -5.02 -10.74
CA PRO C 77 -0.49 -6.15 -10.78
C PRO C 77 -1.16 -7.50 -10.56
N LEU C 78 -2.06 -7.59 -9.59
CA LEU C 78 -2.70 -8.87 -9.27
C LEU C 78 -3.63 -9.32 -10.39
N LEU C 79 -4.36 -8.38 -11.00
CA LEU C 79 -5.13 -8.71 -12.19
C LEU C 79 -4.22 -9.03 -13.37
N GLY C 80 -3.00 -8.49 -13.36
CA GLY C 80 -1.96 -8.90 -14.29
C GLY C 80 -1.73 -10.40 -14.31
N ARG C 81 -1.27 -10.99 -13.20
CA ARG C 81 -1.02 -12.43 -13.20
C ARG C 81 -2.32 -13.25 -13.18
N ALA C 82 -3.44 -12.68 -12.75
CA ALA C 82 -4.69 -13.39 -12.93
C ALA C 82 -4.88 -13.78 -14.39
N SER C 83 -4.50 -12.90 -15.31
CA SER C 83 -4.56 -13.22 -16.73
C SER C 83 -3.49 -14.22 -17.14
N ASP C 84 -2.37 -14.27 -16.41
CA ASP C 84 -1.32 -15.24 -16.69
C ASP C 84 -1.70 -16.66 -16.29
N ARG C 85 -2.78 -16.83 -15.51
CA ARG C 85 -3.30 -18.14 -15.17
C ARG C 85 -4.60 -18.44 -15.90
N PHE C 86 -5.63 -17.63 -15.69
CA PHE C 86 -6.94 -17.86 -16.28
C PHE C 86 -7.05 -17.39 -17.73
N GLY C 87 -6.01 -16.76 -18.26
CA GLY C 87 -6.00 -16.31 -19.63
C GLY C 87 -6.46 -14.86 -19.78
N ARG C 88 -6.11 -14.28 -20.93
CA ARG C 88 -6.48 -12.89 -21.19
C ARG C 88 -7.99 -12.74 -21.31
N LYS C 89 -8.64 -13.69 -21.97
CA LYS C 89 -10.06 -13.55 -22.31
C LYS C 89 -10.92 -13.38 -21.07
N LEU C 90 -10.74 -14.26 -20.08
CA LEU C 90 -11.59 -14.19 -18.89
C LEU C 90 -11.40 -12.87 -18.15
N LEU C 91 -10.16 -12.38 -18.06
CA LEU C 91 -9.91 -11.16 -17.29
C LEU C 91 -10.52 -9.94 -17.98
N ILE C 92 -10.47 -9.89 -19.31
CA ILE C 92 -11.13 -8.80 -20.02
C ILE C 92 -12.63 -8.84 -19.78
N GLN C 93 -13.22 -10.03 -19.79
CA GLN C 93 -14.65 -10.15 -19.54
C GLN C 93 -14.99 -9.74 -18.11
N ILE C 94 -14.22 -10.22 -17.14
CA ILE C 94 -14.48 -9.89 -15.74
C ILE C 94 -14.32 -8.40 -15.50
N SER C 95 -13.29 -7.78 -16.09
CA SER C 95 -13.10 -6.34 -15.92
C SER C 95 -14.17 -5.55 -16.66
N LEU C 96 -14.64 -6.03 -17.82
CA LEU C 96 -15.76 -5.37 -18.47
C LEU C 96 -17.03 -5.48 -17.63
N ALA C 97 -17.20 -6.61 -16.95
CA ALA C 97 -18.36 -6.77 -16.07
C ALA C 97 -18.26 -5.89 -14.85
N GLY C 98 -17.07 -5.83 -14.23
CA GLY C 98 -16.88 -4.92 -13.10
C GLY C 98 -16.96 -3.46 -13.52
N PHE C 99 -16.45 -3.16 -14.71
CA PHE C 99 -16.59 -1.82 -15.28
C PHE C 99 -18.07 -1.44 -15.39
N ALA C 100 -18.90 -2.36 -15.86
CA ALA C 100 -20.34 -2.11 -15.94
C ALA C 100 -20.96 -2.07 -14.56
N LEU C 101 -20.66 -3.05 -13.71
CA LEU C 101 -21.26 -3.09 -12.38
C LEU C 101 -20.92 -1.85 -11.58
N GLY C 102 -19.64 -1.44 -11.61
CA GLY C 102 -19.28 -0.19 -10.98
C GLY C 102 -20.05 0.99 -11.53
N SER C 103 -20.19 1.05 -12.86
CA SER C 103 -20.95 2.14 -13.48
C SER C 103 -22.40 2.16 -12.98
N VAL C 104 -22.99 0.97 -12.77
CA VAL C 104 -24.38 0.92 -12.32
C VAL C 104 -24.50 1.46 -10.89
N ILE C 105 -23.64 0.99 -9.98
CA ILE C 105 -23.73 1.46 -8.60
C ILE C 105 -23.35 2.93 -8.49
N THR C 106 -22.47 3.41 -9.39
CA THR C 106 -22.21 4.85 -9.48
C THR C 106 -23.46 5.60 -9.96
N ALA C 107 -24.11 5.08 -11.01
CA ALA C 107 -25.28 5.75 -11.56
C ALA C 107 -26.44 5.78 -10.57
N LEU C 108 -26.58 4.74 -9.75
CA LEU C 108 -27.65 4.67 -8.77
C LEU C 108 -27.39 5.51 -7.52
N ALA C 109 -26.21 6.10 -7.39
CA ALA C 109 -25.82 6.77 -6.17
C ALA C 109 -26.53 8.11 -6.01
N THR C 110 -27.17 8.32 -4.86
CA THR C 110 -27.58 9.63 -4.38
C THR C 110 -26.82 9.94 -3.10
N ASN C 111 -25.52 9.63 -3.12
CA ASN C 111 -24.68 9.53 -1.93
C ASN C 111 -23.22 9.49 -2.35
N LEU C 112 -22.39 10.36 -1.78
CA LEU C 112 -21.00 10.45 -2.22
C LEU C 112 -20.25 9.14 -1.96
N ASP C 113 -20.54 8.48 -0.84
CA ASP C 113 -19.81 7.26 -0.50
C ASP C 113 -20.08 6.16 -1.52
N VAL C 114 -21.31 6.07 -2.03
CA VAL C 114 -21.62 5.03 -3.00
C VAL C 114 -21.06 5.38 -4.37
N LEU C 115 -21.03 6.67 -4.73
CA LEU C 115 -20.27 7.09 -5.90
C LEU C 115 -18.84 6.59 -5.84
N VAL C 116 -18.15 6.88 -4.74
CA VAL C 116 -16.75 6.54 -4.62
C VAL C 116 -16.57 5.03 -4.72
N ALA C 117 -17.42 4.26 -4.04
CA ALA C 117 -17.36 2.81 -4.15
C ALA C 117 -17.51 2.37 -5.59
N GLY C 118 -18.48 2.96 -6.32
CA GLY C 118 -18.67 2.60 -7.72
C GLY C 118 -17.50 3.00 -8.59
N ARG C 119 -16.94 4.19 -8.35
CA ARG C 119 -15.77 4.62 -9.10
C ARG C 119 -14.55 3.78 -8.74
N VAL C 120 -14.46 3.31 -7.50
CA VAL C 120 -13.37 2.41 -7.12
C VAL C 120 -13.46 1.12 -7.91
N ILE C 121 -14.66 0.56 -8.06
CA ILE C 121 -14.83 -0.66 -8.84
C ILE C 121 -14.52 -0.39 -10.31
N GLN C 122 -15.10 0.68 -10.86
CA GLN C 122 -14.79 1.07 -12.24
C GLN C 122 -13.29 1.18 -12.45
N GLY C 123 -12.61 1.88 -11.55
CA GLY C 123 -11.17 2.05 -11.67
C GLY C 123 -10.44 0.74 -11.65
N ALA C 124 -10.66 -0.05 -10.61
CA ALA C 124 -9.99 -1.35 -10.50
C ALA C 124 -10.24 -2.20 -11.74
N ALA C 125 -11.50 -2.29 -12.16
CA ALA C 125 -11.83 -3.10 -13.33
C ALA C 125 -11.17 -2.55 -14.59
N SER C 126 -11.37 -1.25 -14.88
CA SER C 126 -10.87 -0.70 -16.13
C SER C 126 -9.34 -0.66 -16.17
N GLY C 127 -8.68 -0.60 -15.01
CA GLY C 127 -7.22 -0.59 -14.98
C GLY C 127 -6.60 -1.86 -15.52
N ALA C 128 -7.33 -2.96 -15.52
CA ALA C 128 -6.79 -4.23 -16.01
C ALA C 128 -6.85 -4.35 -17.53
N LEU C 129 -7.67 -3.54 -18.19
CA LEU C 129 -7.90 -3.75 -19.63
C LEU C 129 -6.63 -3.53 -20.44
N LEU C 130 -5.87 -2.48 -20.13
CA LEU C 130 -4.67 -2.20 -20.91
C LEU C 130 -3.58 -3.25 -20.69
N PRO C 131 -3.18 -3.59 -19.45
CA PRO C 131 -2.16 -4.63 -19.26
C PRO C 131 -2.51 -5.95 -19.94
N VAL C 132 -3.77 -6.40 -19.83
CA VAL C 132 -4.13 -7.72 -20.30
C VAL C 132 -4.21 -7.77 -21.82
N THR C 133 -4.58 -6.64 -22.46
CA THR C 133 -4.57 -6.60 -23.92
C THR C 133 -3.15 -6.46 -24.46
N LEU C 134 -2.30 -5.71 -23.78
CA LEU C 134 -0.88 -5.69 -24.15
C LEU C 134 -0.29 -7.07 -24.06
N ALA C 135 -0.67 -7.83 -23.02
CA ALA C 135 -0.22 -9.21 -22.88
C ALA C 135 -0.81 -10.10 -23.96
N LEU C 136 -2.02 -9.78 -24.44
CA LEU C 136 -2.58 -10.51 -25.57
C LEU C 136 -1.76 -10.25 -26.83
N ALA C 137 -1.36 -9.00 -27.07
CA ALA C 137 -0.47 -8.71 -28.17
C ALA C 137 0.85 -9.45 -28.03
N ALA C 138 1.34 -9.58 -26.79
CA ALA C 138 2.58 -10.32 -26.56
C ALA C 138 2.38 -11.82 -26.78
N ASP C 139 1.17 -12.33 -26.55
CA ASP C 139 0.90 -13.74 -26.79
C ASP C 139 0.86 -14.05 -28.28
N LEU C 140 0.16 -13.22 -29.05
CA LEU C 140 -0.20 -13.56 -30.41
C LEU C 140 0.76 -13.04 -31.47
N TRP C 141 1.75 -12.21 -31.10
CA TRP C 141 2.78 -11.73 -32.01
C TRP C 141 4.16 -11.99 -31.43
N ALA C 142 5.08 -12.46 -32.27
CA ALA C 142 6.47 -12.63 -31.86
C ALA C 142 7.18 -11.28 -31.82
N THR C 143 8.41 -11.27 -31.29
CA THR C 143 8.98 -10.05 -30.74
C THR C 143 9.11 -8.94 -31.78
N HIS C 144 9.54 -9.28 -33.00
CA HIS C 144 10.03 -8.24 -33.91
C HIS C 144 8.90 -7.37 -34.45
N LYS C 145 7.76 -7.96 -34.81
CA LYS C 145 6.61 -7.18 -35.26
C LYS C 145 5.71 -6.74 -34.11
N ARG C 146 5.95 -7.24 -32.89
CA ARG C 146 5.08 -6.98 -31.75
C ARG C 146 4.88 -5.49 -31.50
N ALA C 147 5.92 -4.68 -31.73
CA ALA C 147 5.89 -3.28 -31.31
C ALA C 147 4.82 -2.47 -32.03
N ALA C 148 4.46 -2.84 -33.26
CA ALA C 148 3.39 -2.13 -33.96
C ALA C 148 2.04 -2.38 -33.30
N VAL C 149 1.84 -3.61 -32.80
CA VAL C 149 0.58 -3.94 -32.14
C VAL C 149 0.50 -3.28 -30.78
N LEU C 150 1.61 -3.27 -30.04
CA LEU C 150 1.65 -2.55 -28.77
C LEU C 150 1.34 -1.08 -28.96
N GLY C 151 1.81 -0.49 -30.06
CA GLY C 151 1.52 0.91 -30.32
C GLY C 151 0.04 1.17 -30.59
N GLY C 152 -0.62 0.24 -31.27
CA GLY C 152 -2.05 0.38 -31.48
C GLY C 152 -2.83 0.34 -30.19
N VAL C 153 -2.46 -0.58 -29.29
CA VAL C 153 -3.16 -0.70 -28.01
C VAL C 153 -2.82 0.47 -27.11
N GLY C 154 -1.56 0.92 -27.12
CA GLY C 154 -1.22 2.14 -26.39
C GLY C 154 -1.92 3.36 -26.95
N ALA C 155 -2.09 3.41 -28.27
CA ALA C 155 -2.85 4.51 -28.87
C ALA C 155 -4.32 4.44 -28.49
N ALA C 156 -4.89 3.24 -28.42
CA ALA C 156 -6.27 3.11 -27.96
C ALA C 156 -6.42 3.64 -26.54
N GLN C 157 -5.42 3.39 -25.70
CA GLN C 157 -5.46 3.89 -24.32
C GLN C 157 -5.51 5.41 -24.29
N GLU C 158 -4.55 6.06 -24.92
CA GLU C 158 -4.37 7.49 -24.73
C GLU C 158 -5.26 8.34 -25.64
N LEU C 159 -5.85 7.75 -26.68
CA LEU C 159 -6.94 8.43 -27.38
C LEU C 159 -8.19 8.48 -26.49
N GLY C 160 -8.53 7.36 -25.85
CA GLY C 160 -9.66 7.36 -24.95
C GLY C 160 -9.48 8.26 -23.74
N ALA C 161 -8.24 8.34 -23.23
CA ALA C 161 -7.96 9.20 -22.10
C ALA C 161 -8.22 10.66 -22.45
N VAL C 162 -7.93 11.06 -23.68
CA VAL C 162 -8.12 12.45 -24.11
C VAL C 162 -9.57 12.72 -24.49
N LEU C 163 -10.29 11.71 -24.95
CA LEU C 163 -11.67 11.86 -25.38
C LEU C 163 -12.68 11.77 -24.23
N GLY C 164 -12.28 11.23 -23.09
CA GLY C 164 -13.17 10.99 -21.97
C GLY C 164 -14.05 12.17 -21.61
N PRO C 165 -13.44 13.34 -21.40
CA PRO C 165 -14.26 14.53 -21.07
C PRO C 165 -15.27 14.87 -22.15
N ILE C 166 -14.88 14.72 -23.42
CA ILE C 166 -15.79 15.02 -24.52
C ILE C 166 -16.91 14.01 -24.59
N TYR C 167 -16.60 12.73 -24.33
CA TYR C 167 -17.63 11.71 -24.22
C TYR C 167 -18.62 12.04 -23.11
N GLY C 168 -18.15 12.61 -22.01
CA GLY C 168 -19.06 13.10 -20.99
C GLY C 168 -19.89 14.27 -21.45
N ILE C 169 -19.26 15.24 -22.13
CA ILE C 169 -19.97 16.41 -22.64
C ILE C 169 -21.07 15.97 -23.61
N PHE C 170 -20.74 15.08 -24.54
CA PHE C 170 -21.72 14.61 -25.51
C PHE C 170 -22.89 13.90 -24.83
N VAL C 171 -22.59 13.06 -23.83
CA VAL C 171 -23.66 12.26 -23.22
C VAL C 171 -24.58 13.12 -22.37
N VAL C 172 -24.08 14.23 -21.82
CA VAL C 172 -24.96 15.16 -21.11
C VAL C 172 -25.74 16.04 -22.10
N TRP C 173 -25.09 16.42 -23.21
CA TRP C 173 -25.82 17.10 -24.28
C TRP C 173 -26.92 16.23 -24.85
N LEU C 174 -26.72 14.91 -24.84
CA LEU C 174 -27.75 13.96 -25.25
C LEU C 174 -28.83 13.81 -24.18
N PHE C 175 -28.46 13.27 -23.02
CA PHE C 175 -29.35 13.08 -21.89
C PHE C 175 -28.94 14.05 -20.79
N HIS C 176 -29.90 14.80 -20.26
CA HIS C 176 -29.59 16.00 -19.51
C HIS C 176 -29.24 15.72 -18.05
N HIS C 177 -28.67 14.54 -17.78
CA HIS C 177 -28.27 14.13 -16.44
C HIS C 177 -26.92 13.41 -16.51
N TRP C 178 -26.07 13.67 -15.52
CA TRP C 178 -24.72 13.09 -15.52
C TRP C 178 -24.74 11.58 -15.35
N GLN C 179 -25.76 11.04 -14.68
CA GLN C 179 -25.85 9.60 -14.49
C GLN C 179 -25.81 8.85 -15.82
N ALA C 180 -26.25 9.50 -16.90
CA ALA C 180 -26.31 8.83 -18.20
C ALA C 180 -24.93 8.38 -18.67
N VAL C 181 -23.87 9.11 -18.28
CA VAL C 181 -22.51 8.67 -18.61
C VAL C 181 -22.31 7.23 -18.20
N PHE C 182 -22.69 6.91 -16.97
CA PHE C 182 -22.43 5.60 -16.40
C PHE C 182 -23.49 4.57 -16.79
N TRP C 183 -24.68 5.01 -17.18
CA TRP C 183 -25.62 4.08 -17.81
C TRP C 183 -25.13 3.68 -19.21
N VAL C 184 -24.64 4.66 -19.99
CA VAL C 184 -24.16 4.36 -21.33
C VAL C 184 -22.95 3.44 -21.30
N ASN C 185 -22.19 3.46 -20.19
CA ASN C 185 -21.09 2.51 -20.03
C ASN C 185 -21.58 1.07 -20.11
N VAL C 186 -22.83 0.80 -19.73
CA VAL C 186 -23.30 -0.58 -19.60
C VAL C 186 -23.56 -1.20 -20.97
N PRO C 187 -24.36 -0.59 -21.86
CA PRO C 187 -24.45 -1.15 -23.21
C PRO C 187 -23.10 -1.28 -23.89
N LEU C 188 -22.25 -0.26 -23.76
CA LEU C 188 -20.92 -0.32 -24.37
C LEU C 188 -20.10 -1.47 -23.78
N ALA C 189 -20.24 -1.71 -22.47
CA ALA C 189 -19.54 -2.83 -21.86
C ALA C 189 -20.08 -4.16 -22.37
N LEU C 190 -21.40 -4.29 -22.48
CA LEU C 190 -21.99 -5.54 -22.95
C LEU C 190 -21.66 -5.78 -24.41
N ILE C 191 -21.62 -4.72 -25.22
CA ILE C 191 -21.17 -4.86 -26.61
C ILE C 191 -19.73 -5.35 -26.66
N ALA C 192 -18.87 -4.72 -25.86
CA ALA C 192 -17.46 -5.13 -25.82
C ALA C 192 -17.32 -6.58 -25.37
N MET C 193 -18.15 -7.02 -24.42
CA MET C 193 -18.09 -8.40 -23.96
C MET C 193 -18.43 -9.37 -25.07
N VAL C 194 -19.51 -9.09 -25.81
CA VAL C 194 -19.88 -9.93 -26.94
C VAL C 194 -18.76 -9.94 -27.99
N LEU C 195 -18.22 -8.76 -28.29
CA LEU C 195 -17.13 -8.66 -29.25
C LEU C 195 -15.92 -9.46 -28.78
N ILE C 196 -15.59 -9.36 -27.50
CA ILE C 196 -14.46 -10.12 -26.94
C ILE C 196 -14.74 -11.61 -26.99
N HIS C 197 -15.94 -12.01 -26.59
CA HIS C 197 -16.30 -13.43 -26.57
C HIS C 197 -16.14 -14.06 -27.94
N ILE C 198 -16.54 -13.33 -28.99
CA ILE C 198 -16.49 -13.85 -30.35
C ILE C 198 -15.06 -13.85 -30.90
N SER C 199 -14.21 -12.92 -30.46
CA SER C 199 -12.95 -12.65 -31.14
C SER C 199 -11.73 -13.32 -30.51
N LEU C 200 -11.77 -13.65 -29.17
CA LEU C 200 -10.52 -14.06 -28.52
C LEU C 200 -10.40 -15.58 -28.43
N PRO C 201 -9.16 -16.10 -28.40
CA PRO C 201 -8.95 -17.54 -28.19
C PRO C 201 -9.09 -17.91 -26.73
N PRO C 202 -9.67 -19.07 -26.42
CA PRO C 202 -9.81 -19.47 -25.01
C PRO C 202 -8.50 -19.98 -24.40
N ARG C 203 -8.52 -20.07 -23.07
CA ARG C 203 -7.48 -20.79 -22.31
C ARG C 203 -8.08 -21.40 -21.04
N ARG C 211 -3.78 -19.77 -7.38
CA ARG C 211 -2.57 -20.17 -8.10
C ARG C 211 -1.78 -18.93 -8.55
N VAL C 212 -2.16 -17.78 -8.00
CA VAL C 212 -1.47 -16.51 -8.18
C VAL C 212 -0.97 -16.08 -6.80
N ASP C 213 0.09 -15.26 -6.78
CA ASP C 213 0.62 -14.72 -5.53
C ASP C 213 -0.35 -13.67 -4.99
N VAL C 214 -1.44 -14.17 -4.39
CA VAL C 214 -2.46 -13.26 -3.87
C VAL C 214 -1.91 -12.43 -2.72
N THR C 215 -1.12 -13.04 -1.83
CA THR C 215 -0.59 -12.32 -0.68
C THR C 215 0.36 -11.20 -1.12
N GLY C 216 1.27 -11.50 -2.04
CA GLY C 216 2.15 -10.47 -2.57
C GLY C 216 1.38 -9.44 -3.39
N GLY C 217 0.38 -9.89 -4.14
CA GLY C 217 -0.45 -8.95 -4.88
C GLY C 217 -1.15 -7.96 -3.97
N LEU C 218 -1.64 -8.42 -2.83
CA LEU C 218 -2.36 -7.54 -1.91
C LEU C 218 -1.41 -6.63 -1.14
N LEU C 219 -0.24 -7.13 -0.73
CA LEU C 219 0.73 -6.26 -0.07
C LEU C 219 1.24 -5.19 -1.04
N LEU C 220 1.45 -5.56 -2.30
CA LEU C 220 1.83 -4.57 -3.30
C LEU C 220 0.70 -3.57 -3.53
N ALA C 221 -0.55 -4.06 -3.57
CA ALA C 221 -1.69 -3.16 -3.68
C ALA C 221 -1.72 -2.16 -2.54
N LEU C 222 -1.48 -2.64 -1.32
CA LEU C 222 -1.43 -1.75 -0.16
C LEU C 222 -0.38 -0.66 -0.37
N ALA C 223 0.82 -1.05 -0.79
CA ALA C 223 1.87 -0.06 -1.02
C ALA C 223 1.47 0.94 -2.09
N LEU C 224 0.98 0.46 -3.24
CA LEU C 224 0.55 1.34 -4.32
C LEU C 224 -0.54 2.30 -3.85
N GLY C 225 -1.55 1.77 -3.15
CA GLY C 225 -2.64 2.62 -2.69
C GLY C 225 -2.16 3.69 -1.73
N LEU C 226 -1.32 3.31 -0.76
CA LEU C 226 -0.75 4.30 0.16
C LEU C 226 0.00 5.39 -0.60
N ALA C 227 0.65 5.03 -1.70
CA ALA C 227 1.36 6.02 -2.51
C ALA C 227 0.39 6.98 -3.20
N THR C 228 -0.66 6.44 -3.83
CA THR C 228 -1.58 7.29 -4.59
C THR C 228 -2.24 8.33 -3.69
N ILE C 229 -2.80 7.89 -2.56
CA ILE C 229 -3.51 8.82 -1.68
C ILE C 229 -2.51 9.71 -0.96
N GLY C 230 -1.28 9.25 -0.73
CA GLY C 230 -0.27 10.08 -0.13
C GLY C 230 0.22 11.19 -1.03
N LEU C 231 0.27 10.95 -2.34
CA LEU C 231 0.91 11.86 -3.28
C LEU C 231 -0.06 12.82 -3.96
N TYR C 232 -1.32 12.46 -4.12
CA TYR C 232 -2.25 13.30 -4.88
C TYR C 232 -2.76 14.46 -4.02
N ASN C 233 -2.70 15.67 -4.58
CA ASN C 233 -3.17 16.88 -3.91
C ASN C 233 -4.37 17.47 -4.65
N ALA C 234 -5.45 17.72 -3.93
CA ALA C 234 -6.66 18.35 -4.45
C ALA C 234 -6.55 19.87 -4.47
N GLU C 235 -5.36 20.41 -4.27
CA GLU C 235 -5.20 21.79 -3.82
C GLU C 235 -4.11 22.52 -4.60
N GLY C 238 -0.88 26.76 -3.04
CA GLY C 238 -0.77 26.81 -1.60
C GLY C 238 0.66 26.81 -1.09
N LYS C 239 0.80 26.60 0.23
CA LYS C 239 2.09 26.64 0.89
C LYS C 239 2.74 25.26 1.02
N GLN C 240 2.00 24.18 0.78
CA GLN C 240 2.54 22.82 0.89
C GLN C 240 1.98 21.97 -0.24
N VAL C 241 2.82 21.07 -0.75
CA VAL C 241 2.59 20.38 -2.01
C VAL C 241 1.92 19.02 -1.82
N LEU C 242 2.33 18.27 -0.81
CA LEU C 242 1.60 17.07 -0.46
C LEU C 242 0.37 17.44 0.37
N PRO C 243 -0.69 16.62 0.33
CA PRO C 243 -1.79 16.83 1.27
C PRO C 243 -1.29 16.65 2.70
N GLU C 244 -2.07 17.19 3.65
CA GLU C 244 -1.67 17.14 5.05
C GLU C 244 -1.29 15.71 5.46
N TYR C 245 -2.11 14.74 5.07
CA TYR C 245 -1.93 13.35 5.43
C TYR C 245 -0.89 12.62 4.57
N GLY C 246 -0.19 13.34 3.68
CA GLY C 246 0.72 12.72 2.75
C GLY C 246 1.88 11.96 3.38
N PRO C 247 2.69 12.65 4.18
CA PRO C 247 3.98 12.07 4.61
C PRO C 247 3.83 10.70 5.26
N PRO C 248 2.91 10.52 6.22
CA PRO C 248 2.80 9.19 6.84
C PRO C 248 2.28 8.13 5.87
N LEU C 249 1.38 8.49 4.96
CA LEU C 249 0.93 7.54 3.95
C LEU C 249 2.09 7.14 3.03
N ILE C 250 2.94 8.11 2.67
CA ILE C 250 4.05 7.81 1.78
C ILE C 250 5.08 6.93 2.48
N ILE C 251 5.41 7.26 3.73
CA ILE C 251 6.37 6.46 4.48
C ILE C 251 5.78 5.08 4.78
N GLY C 252 4.46 4.99 4.94
CA GLY C 252 3.81 3.69 5.00
C GLY C 252 3.92 2.93 3.69
N ALA C 253 3.72 3.63 2.57
CA ALA C 253 3.83 2.98 1.26
C ALA C 253 5.19 2.32 1.07
N VAL C 254 6.26 3.04 1.43
CA VAL C 254 7.60 2.48 1.30
C VAL C 254 7.76 1.25 2.20
N ILE C 255 7.30 1.34 3.44
CA ILE C 255 7.40 0.21 4.35
C ILE C 255 6.56 -0.97 3.85
N ALA C 256 5.38 -0.68 3.30
CA ALA C 256 4.56 -1.74 2.72
C ALA C 256 5.21 -2.34 1.49
N ALA C 257 5.96 -1.54 0.73
CA ALA C 257 6.72 -2.07 -0.40
C ALA C 257 7.84 -2.99 0.09
N VAL C 258 8.50 -2.61 1.20
CA VAL C 258 9.50 -3.49 1.80
C VAL C 258 8.87 -4.80 2.26
N ALA C 259 7.72 -4.71 2.91
CA ALA C 259 7.02 -5.92 3.34
C ALA C 259 6.68 -6.81 2.14
N PHE C 260 6.32 -6.20 1.02
CA PHE C 260 6.05 -6.98 -0.20
C PHE C 260 7.31 -7.66 -0.72
N LEU C 261 8.40 -6.90 -0.84
CA LEU C 261 9.66 -7.48 -1.31
C LEU C 261 10.13 -8.60 -0.37
N VAL C 262 9.80 -8.50 0.91
CA VAL C 262 10.26 -9.49 1.89
C VAL C 262 9.32 -10.70 1.96
N TRP C 263 8.03 -10.54 1.66
CA TRP C 263 7.17 -11.70 1.50
C TRP C 263 7.68 -12.57 0.36
N GLU C 264 8.04 -11.96 -0.77
CA GLU C 264 8.75 -12.66 -1.81
C GLU C 264 10.13 -13.09 -1.29
N ARG C 265 10.71 -14.07 -1.98
CA ARG C 265 11.85 -14.86 -1.48
C ARG C 265 11.38 -15.90 -0.46
N PHE C 266 10.47 -15.54 0.44
CA PHE C 266 9.84 -16.54 1.29
C PHE C 266 8.63 -17.18 0.63
N ALA C 267 8.02 -16.52 -0.34
CA ALA C 267 6.88 -17.07 -1.06
C ALA C 267 7.34 -18.10 -2.09
N ARG C 268 6.65 -19.25 -2.11
CA ARG C 268 6.76 -20.16 -3.23
C ARG C 268 6.30 -19.48 -4.51
N THR C 269 5.05 -19.03 -4.50
CA THR C 269 4.42 -18.33 -5.63
C THR C 269 4.74 -16.85 -5.52
N ARG C 270 5.71 -16.39 -6.31
CA ARG C 270 5.98 -14.97 -6.40
C ARG C 270 5.05 -14.32 -7.41
N LEU C 271 4.91 -13.00 -7.30
CA LEU C 271 4.05 -12.27 -8.23
C LEU C 271 4.72 -12.11 -9.58
N LEU C 272 6.02 -11.83 -9.60
CA LEU C 272 6.85 -11.93 -10.81
C LEU C 272 7.90 -13.01 -10.57
N ASP C 273 7.75 -14.14 -11.25
CA ASP C 273 8.65 -15.28 -11.06
C ASP C 273 10.02 -14.98 -11.65
N PRO C 274 11.11 -15.04 -10.88
CA PRO C 274 12.41 -14.56 -11.40
C PRO C 274 13.07 -15.48 -12.42
N ALA C 275 12.64 -16.73 -12.54
CA ALA C 275 13.28 -17.64 -13.48
C ALA C 275 13.11 -17.12 -14.90
N GLY C 276 14.22 -16.91 -15.60
CA GLY C 276 14.18 -16.50 -17.00
C GLY C 276 13.87 -15.05 -17.25
N VAL C 277 14.08 -14.16 -16.28
CA VAL C 277 13.87 -12.73 -16.43
C VAL C 277 15.22 -12.04 -16.36
N ARG C 278 15.49 -11.15 -17.33
CA ARG C 278 16.70 -10.33 -17.32
C ARG C 278 16.37 -9.02 -16.61
N PHE C 279 16.64 -8.98 -15.30
CA PHE C 279 16.17 -7.87 -14.49
C PHE C 279 16.85 -6.55 -14.83
N ARG C 280 18.12 -6.56 -15.28
CA ARG C 280 18.77 -5.28 -15.61
C ARG C 280 17.97 -4.50 -16.63
N PRO C 281 17.74 -4.99 -17.86
CA PRO C 281 16.93 -4.21 -18.80
C PRO C 281 15.49 -4.05 -18.35
N PHE C 282 14.93 -5.00 -17.60
CA PHE C 282 13.56 -4.87 -17.12
C PHE C 282 13.41 -3.64 -16.21
N LEU C 283 14.22 -3.57 -15.16
CA LEU C 283 14.12 -2.45 -14.22
C LEU C 283 14.43 -1.12 -14.90
N ILE C 284 15.37 -1.12 -15.85
CA ILE C 284 15.67 0.10 -16.58
C ILE C 284 14.45 0.56 -17.37
N ALA C 285 13.75 -0.38 -18.01
CA ALA C 285 12.53 -0.03 -18.75
C ALA C 285 11.48 0.55 -17.82
N LEU C 286 11.31 -0.04 -16.63
CA LEU C 286 10.37 0.52 -15.67
C LEU C 286 10.79 1.92 -15.24
N LEU C 287 12.09 2.14 -15.04
CA LEU C 287 12.57 3.43 -14.58
C LEU C 287 12.37 4.51 -15.64
N VAL C 288 12.55 4.17 -16.92
CA VAL C 288 12.27 5.15 -17.97
C VAL C 288 10.77 5.37 -18.10
N SER C 289 9.99 4.29 -17.99
CA SER C 289 8.53 4.44 -17.98
C SER C 289 8.10 5.38 -16.85
N LEU C 290 8.73 5.26 -15.69
CA LEU C 290 8.47 6.18 -14.59
C LEU C 290 8.80 7.61 -14.99
N VAL C 291 9.93 7.82 -15.68
CA VAL C 291 10.32 9.16 -16.10
C VAL C 291 9.32 9.72 -17.12
N THR C 292 8.80 8.87 -18.02
CA THR C 292 7.82 9.36 -18.99
C THR C 292 6.53 9.79 -18.28
N GLY C 293 6.11 9.04 -17.27
CA GLY C 293 4.90 9.40 -16.55
C GLY C 293 5.03 10.73 -15.82
N GLY C 294 6.19 10.96 -15.21
CA GLY C 294 6.43 12.25 -14.58
C GLY C 294 6.37 13.39 -15.57
N ALA C 295 7.04 13.22 -16.72
CA ALA C 295 7.01 14.24 -17.77
C ALA C 295 5.59 14.53 -18.21
N LEU C 296 4.77 13.49 -18.44
CA LEU C 296 3.37 13.67 -18.79
C LEU C 296 2.66 14.54 -17.76
N MET C 297 2.75 14.16 -16.49
CA MET C 297 1.89 14.76 -15.48
C MET C 297 2.33 16.19 -15.12
N VAL C 298 3.64 16.47 -15.12
CA VAL C 298 4.06 17.84 -14.84
C VAL C 298 3.65 18.77 -15.97
N THR C 299 3.51 18.25 -17.19
CA THR C 299 3.00 19.05 -18.29
C THR C 299 1.51 19.31 -18.14
N LEU C 300 0.75 18.29 -17.72
CA LEU C 300 -0.68 18.44 -17.55
C LEU C 300 -1.01 19.54 -16.54
N VAL C 301 -0.33 19.54 -15.39
CA VAL C 301 -0.73 20.45 -14.31
C VAL C 301 -0.16 21.85 -14.51
N ASN C 302 1.08 21.96 -15.01
CA ASN C 302 1.72 23.28 -15.05
C ASN C 302 1.23 24.12 -16.21
N VAL C 303 0.96 23.51 -17.37
CA VAL C 303 0.46 24.29 -18.50
C VAL C 303 -0.91 24.87 -18.18
N GLU C 304 -1.73 24.13 -17.42
CA GLU C 304 -2.99 24.70 -16.92
C GLU C 304 -2.72 25.92 -16.06
N LEU C 305 -1.83 25.80 -15.08
CA LEU C 305 -1.63 26.86 -14.10
C LEU C 305 -0.98 28.09 -14.73
N PHE C 306 -0.05 27.87 -15.66
CA PHE C 306 0.49 28.97 -16.46
C PHE C 306 -0.62 29.65 -17.25
N GLY C 307 -1.55 28.86 -17.80
CA GLY C 307 -2.68 29.44 -18.51
C GLY C 307 -3.52 30.35 -17.64
N GLN C 308 -3.85 29.89 -16.43
CA GLN C 308 -4.69 30.69 -15.54
C GLN C 308 -3.91 31.86 -14.96
N GLY C 309 -2.71 31.60 -14.46
CA GLY C 309 -1.97 32.60 -13.70
C GLY C 309 -1.25 33.65 -14.52
N VAL C 310 -0.61 33.24 -15.61
CA VAL C 310 0.17 34.15 -16.43
C VAL C 310 -0.61 34.65 -17.64
N LEU C 311 -1.33 33.75 -18.32
CA LEU C 311 -2.07 34.11 -19.52
C LEU C 311 -3.49 34.60 -19.24
N GLY C 312 -3.95 34.52 -17.99
CA GLY C 312 -5.23 35.10 -17.62
C GLY C 312 -6.43 34.42 -18.23
N LEU C 313 -6.43 33.09 -18.27
CA LEU C 313 -7.49 32.31 -18.92
C LEU C 313 -8.46 31.72 -17.90
N ASP C 314 -9.68 31.46 -18.37
CA ASP C 314 -10.60 30.59 -17.65
C ASP C 314 -10.00 29.20 -17.53
N GLN C 315 -10.43 28.46 -16.51
CA GLN C 315 -9.93 27.10 -16.35
C GLN C 315 -10.31 26.22 -17.53
N ASP C 316 -11.51 26.44 -18.09
CA ASP C 316 -11.88 25.77 -19.33
C ASP C 316 -10.91 26.10 -20.46
N GLU C 317 -10.58 27.38 -20.59
CA GLU C 317 -9.67 27.82 -21.64
C GLU C 317 -8.25 27.30 -21.39
N ALA C 318 -7.82 27.30 -20.13
CA ALA C 318 -6.47 26.85 -19.80
C ALA C 318 -6.30 25.35 -20.02
N VAL C 319 -7.34 24.56 -19.71
CA VAL C 319 -7.26 23.12 -19.96
C VAL C 319 -7.21 22.85 -21.45
N PHE C 320 -7.96 23.62 -22.25
CA PHE C 320 -7.97 23.42 -23.70
C PHE C 320 -6.62 23.74 -24.34
N LEU C 321 -5.73 24.46 -23.64
CA LEU C 321 -4.37 24.62 -24.14
C LEU C 321 -3.71 23.27 -24.39
N LEU C 322 -3.99 22.29 -23.54
CA LEU C 322 -3.36 20.99 -23.59
C LEU C 322 -3.73 20.19 -24.84
N ALA C 323 -4.71 20.65 -25.61
CA ALA C 323 -5.30 19.80 -26.65
C ALA C 323 -4.26 19.26 -27.63
N ARG C 324 -3.30 20.09 -28.04
CA ARG C 324 -2.34 19.64 -29.05
C ARG C 324 -1.17 18.87 -28.45
N PHE C 325 -0.89 19.04 -27.15
CA PHE C 325 -0.04 18.08 -26.45
C PHE C 325 -0.74 16.73 -26.31
N LEU C 326 -2.03 16.77 -25.97
CA LEU C 326 -2.80 15.55 -25.76
C LEU C 326 -2.99 14.77 -27.06
N ILE C 327 -3.38 15.45 -28.14
CA ILE C 327 -3.60 14.77 -29.42
C ILE C 327 -2.31 14.13 -29.91
N ALA C 328 -1.16 14.75 -29.60
CA ALA C 328 0.12 14.21 -30.07
C ALA C 328 0.49 12.90 -29.39
N LEU C 329 -0.11 12.59 -28.22
CA LEU C 329 0.28 11.37 -27.50
C LEU C 329 -0.14 10.12 -28.26
N PRO C 330 -1.42 9.91 -28.59
CA PRO C 330 -1.78 8.68 -29.33
C PRO C 330 -1.13 8.61 -30.70
N VAL C 331 -0.91 9.74 -31.36
CA VAL C 331 -0.24 9.72 -32.65
C VAL C 331 1.21 9.26 -32.49
N GLY C 332 1.91 9.77 -31.47
CA GLY C 332 3.25 9.29 -31.21
C GLY C 332 3.28 7.81 -30.83
N ALA C 333 2.33 7.39 -29.98
CA ALA C 333 2.26 5.99 -29.58
C ALA C 333 2.09 5.08 -30.79
N LEU C 334 1.27 5.49 -31.75
CA LEU C 334 1.01 4.67 -32.93
C LEU C 334 2.23 4.60 -33.84
N LEU C 335 2.81 5.75 -34.18
CA LEU C 335 3.93 5.77 -35.11
C LEU C 335 5.19 5.18 -34.49
N GLY C 336 5.41 5.42 -33.19
CA GLY C 336 6.54 4.81 -32.53
C GLY C 336 6.51 3.29 -32.57
N GLY C 337 5.31 2.71 -32.56
CA GLY C 337 5.20 1.26 -32.70
C GLY C 337 5.70 0.76 -34.04
N TRP C 338 5.20 1.35 -35.13
CA TRP C 338 5.69 1.00 -36.46
C TRP C 338 7.20 1.13 -36.53
N ILE C 339 7.73 2.30 -36.15
CA ILE C 339 9.15 2.58 -36.35
C ILE C 339 10.01 1.59 -35.58
N ALA C 340 9.59 1.23 -34.37
CA ALA C 340 10.39 0.35 -33.53
C ALA C 340 10.47 -1.07 -34.07
N THR C 341 9.53 -1.49 -34.92
CA THR C 341 9.66 -2.81 -35.56
C THR C 341 10.84 -2.85 -36.52
N ARG C 342 11.20 -1.70 -37.09
CA ARG C 342 12.24 -1.61 -38.11
C ARG C 342 13.54 -1.02 -37.57
N VAL C 343 13.43 -0.06 -36.65
CA VAL C 343 14.59 0.62 -36.09
C VAL C 343 15.04 0.03 -34.75
N GLY C 344 14.17 -0.71 -34.07
CA GLY C 344 14.49 -1.27 -32.77
C GLY C 344 14.00 -0.40 -31.63
N ASP C 345 13.71 -1.05 -30.49
CA ASP C 345 13.14 -0.33 -29.35
C ASP C 345 14.09 0.73 -28.82
N ARG C 346 15.34 0.35 -28.57
CA ARG C 346 16.31 1.26 -27.95
C ARG C 346 16.31 2.62 -28.64
N ALA C 347 16.51 2.63 -29.96
CA ALA C 347 16.68 3.89 -30.67
C ALA C 347 15.41 4.73 -30.67
N VAL C 348 14.23 4.10 -30.67
CA VAL C 348 13.01 4.89 -30.67
C VAL C 348 12.75 5.49 -29.29
N THR C 349 13.08 4.79 -28.21
CA THR C 349 12.97 5.40 -26.88
C THR C 349 13.94 6.58 -26.76
N ALA C 350 15.16 6.42 -27.28
CA ALA C 350 16.15 7.49 -27.16
C ALA C 350 15.75 8.69 -28.01
N VAL C 351 15.43 8.47 -29.27
CA VAL C 351 15.02 9.58 -30.14
C VAL C 351 13.74 10.22 -29.63
N GLY C 352 12.75 9.39 -29.27
CA GLY C 352 11.51 9.93 -28.75
C GLY C 352 11.71 10.79 -27.51
N LEU C 353 12.59 10.34 -26.61
CA LEU C 353 12.84 11.11 -25.39
C LEU C 353 13.69 12.34 -25.68
N LEU C 354 14.56 12.28 -26.69
CA LEU C 354 15.26 13.49 -27.12
C LEU C 354 14.30 14.49 -27.74
N ILE C 355 13.32 14.01 -28.50
CA ILE C 355 12.30 14.91 -29.05
C ILE C 355 11.45 15.49 -27.94
N ALA C 356 11.03 14.65 -26.99
CA ALA C 356 10.31 15.15 -25.83
C ALA C 356 11.13 16.19 -25.08
N ALA C 357 12.40 15.88 -24.81
CA ALA C 357 13.28 16.83 -24.16
C ALA C 357 13.34 18.15 -24.92
N GLY C 358 13.48 18.08 -26.25
CA GLY C 358 13.51 19.31 -27.04
C GLY C 358 12.22 20.12 -26.90
N GLY C 359 11.08 19.44 -26.94
CA GLY C 359 9.82 20.14 -26.74
C GLY C 359 9.75 20.83 -25.38
N PHE C 360 10.16 20.11 -24.33
CA PHE C 360 10.16 20.70 -22.99
C PHE C 360 11.13 21.86 -22.90
N TYR C 361 12.31 21.74 -23.53
CA TYR C 361 13.24 22.85 -23.55
C TYR C 361 12.61 24.09 -24.18
N LEU C 362 11.75 23.90 -25.19
CA LEU C 362 11.09 25.04 -25.81
C LEU C 362 9.98 25.60 -24.93
N ILE C 363 9.21 24.74 -24.26
CA ILE C 363 8.21 25.21 -23.32
C ILE C 363 8.87 26.03 -22.22
N ALA C 364 10.09 25.65 -21.82
CA ALA C 364 10.83 26.39 -20.82
C ALA C 364 11.18 27.81 -21.25
N GLN C 365 11.03 28.14 -22.54
CA GLN C 365 11.30 29.48 -23.04
C GLN C 365 10.05 30.35 -23.15
N TRP C 366 8.91 29.87 -22.65
CA TRP C 366 7.65 30.57 -22.88
C TRP C 366 7.66 31.93 -22.20
N PRO C 367 7.33 33.01 -22.92
CA PRO C 367 7.10 34.30 -22.27
C PRO C 367 5.64 34.46 -21.87
N ALA C 368 5.29 35.60 -21.26
CA ALA C 368 3.88 35.93 -21.07
C ALA C 368 3.15 36.17 -22.38
N ASP C 369 3.86 36.16 -23.52
CA ASP C 369 3.32 36.44 -24.84
C ASP C 369 3.07 35.20 -25.67
N VAL C 370 3.02 33.99 -25.08
CA VAL C 370 3.06 32.77 -25.89
C VAL C 370 2.00 32.83 -26.98
N LEU C 371 0.77 33.20 -26.60
CA LEU C 371 -0.33 33.20 -27.55
C LEU C 371 -0.08 34.16 -28.71
N GLU C 372 0.57 35.29 -28.43
CA GLU C 372 0.84 36.31 -29.43
C GLU C 372 2.06 36.00 -30.30
N SER C 373 2.71 34.84 -30.12
CA SER C 373 4.01 34.58 -30.73
C SER C 373 3.97 33.37 -31.66
N ARG C 374 4.88 33.39 -32.64
CA ARG C 374 5.09 32.28 -33.55
C ARG C 374 6.58 32.01 -33.71
N HIS C 375 6.90 30.81 -34.18
CA HIS C 375 8.23 30.51 -34.69
C HIS C 375 8.36 31.03 -36.12
N ASP C 376 9.57 31.44 -36.49
CA ASP C 376 9.85 31.81 -37.87
C ASP C 376 11.28 31.45 -38.22
N LEU C 377 11.46 30.84 -39.39
CA LEU C 377 12.78 30.73 -40.02
C LEU C 377 12.58 30.86 -41.52
N GLY C 378 11.96 31.97 -41.93
CA GLY C 378 11.79 32.33 -43.33
C GLY C 378 10.58 31.71 -44.00
N PHE C 379 10.63 30.40 -44.22
CA PHE C 379 9.78 29.74 -45.19
C PHE C 379 8.60 29.00 -44.58
N VAL C 380 8.43 29.08 -43.26
CA VAL C 380 7.22 28.67 -42.55
C VAL C 380 7.08 29.56 -41.32
N SER C 381 5.91 29.52 -40.68
CA SER C 381 5.74 30.15 -39.37
C SER C 381 4.59 29.48 -38.65
N LEU C 382 4.89 28.86 -37.49
CA LEU C 382 3.92 28.09 -36.73
C LEU C 382 3.77 28.64 -35.31
N PRO C 383 2.60 28.51 -34.70
CA PRO C 383 2.38 29.11 -33.37
C PRO C 383 3.16 28.39 -32.28
N THR C 384 3.61 29.19 -31.30
CA THR C 384 4.54 28.70 -30.28
C THR C 384 3.87 27.70 -29.34
N LEU C 385 2.76 28.11 -28.72
CA LEU C 385 2.04 27.22 -27.80
C LEU C 385 1.81 25.86 -28.43
N ASP C 386 1.10 25.86 -29.57
CA ASP C 386 0.66 24.61 -30.19
C ASP C 386 1.85 23.72 -30.56
N THR C 387 2.91 24.31 -31.10
CA THR C 387 4.00 23.52 -31.66
C THR C 387 4.89 22.92 -30.57
N ASP C 388 5.21 23.69 -29.53
CA ASP C 388 6.01 23.17 -28.43
C ASP C 388 5.28 22.02 -27.74
N LEU C 389 4.00 22.21 -27.45
CA LEU C 389 3.18 21.16 -26.86
C LEU C 389 3.12 19.94 -27.76
N ALA C 390 2.96 20.15 -29.07
CA ALA C 390 2.90 19.03 -30.01
C ALA C 390 4.18 18.23 -30.00
N ILE C 391 5.33 18.91 -29.98
CA ILE C 391 6.61 18.20 -29.96
C ILE C 391 6.77 17.40 -28.68
N ALA C 392 6.42 17.99 -27.54
CA ALA C 392 6.58 17.31 -26.26
C ALA C 392 5.70 16.07 -26.19
N GLY C 393 4.43 16.19 -26.58
CA GLY C 393 3.53 15.04 -26.52
C GLY C 393 3.89 13.97 -27.55
N PHE C 394 4.34 14.38 -28.72
CA PHE C 394 4.73 13.42 -29.76
C PHE C 394 5.95 12.62 -29.32
N GLY C 395 6.97 13.29 -28.78
CA GLY C 395 8.14 12.58 -28.28
C GLY C 395 7.77 11.56 -27.22
N LEU C 396 6.97 11.97 -26.23
CA LEU C 396 6.56 11.03 -25.19
C LEU C 396 5.74 9.89 -25.78
N GLY C 397 4.92 10.18 -26.80
CA GLY C 397 4.14 9.12 -27.42
C GLY C 397 5.00 8.06 -28.10
N LEU C 398 6.02 8.49 -28.84
CA LEU C 398 6.89 7.55 -29.54
C LEU C 398 7.48 6.49 -28.62
N VAL C 399 7.59 6.80 -27.33
CA VAL C 399 8.33 5.96 -26.38
C VAL C 399 7.46 4.87 -25.76
N ILE C 400 6.14 4.97 -25.89
CA ILE C 400 5.24 4.10 -25.12
C ILE C 400 5.30 2.67 -25.64
N ALA C 401 5.17 2.49 -26.95
CA ALA C 401 5.25 1.14 -27.51
C ALA C 401 6.63 0.51 -27.32
N PRO C 402 7.74 1.17 -27.65
CA PRO C 402 9.04 0.50 -27.49
C PRO C 402 9.42 0.22 -26.04
N LEU C 403 9.05 1.06 -25.08
CA LEU C 403 9.30 0.70 -23.68
C LEU C 403 8.51 -0.54 -23.29
N THR C 404 7.25 -0.63 -23.72
CA THR C 404 6.46 -1.82 -23.45
C THR C 404 7.09 -3.03 -24.13
N SER C 405 7.46 -2.88 -25.41
CA SER C 405 8.15 -3.95 -26.12
C SER C 405 9.44 -4.34 -25.40
N ALA C 406 10.26 -3.34 -25.06
CA ALA C 406 11.58 -3.62 -24.50
C ALA C 406 11.49 -4.31 -23.15
N ALA C 407 10.39 -4.09 -22.41
CA ALA C 407 10.18 -4.80 -21.16
C ALA C 407 9.70 -6.22 -21.40
N LEU C 408 8.88 -6.45 -22.44
CA LEU C 408 8.35 -7.77 -22.71
C LEU C 408 9.36 -8.67 -23.43
N ARG C 409 10.27 -8.08 -24.20
CA ARG C 409 11.42 -8.84 -24.74
C ARG C 409 12.09 -9.68 -23.67
N VAL C 410 12.03 -9.21 -22.42
CA VAL C 410 12.87 -9.66 -21.33
C VAL C 410 12.15 -10.63 -20.38
N VAL C 411 10.92 -11.02 -20.71
CA VAL C 411 10.07 -11.77 -19.78
C VAL C 411 9.41 -12.94 -20.50
N PRO C 412 9.29 -14.12 -19.87
CA PRO C 412 8.63 -15.24 -20.53
C PRO C 412 7.14 -15.02 -20.78
N ALA C 413 6.61 -15.81 -21.71
CA ALA C 413 5.17 -15.99 -21.79
C ALA C 413 4.66 -16.61 -20.50
N ALA C 414 3.38 -16.36 -20.19
CA ALA C 414 2.77 -16.65 -18.90
C ALA C 414 3.33 -15.77 -17.79
N GLN C 415 4.14 -14.77 -18.14
CA GLN C 415 4.43 -13.64 -17.28
C GLN C 415 4.19 -12.32 -18.00
N HIS C 416 3.65 -12.37 -19.23
CA HIS C 416 3.35 -11.15 -19.98
C HIS C 416 2.39 -10.24 -19.22
N GLY C 417 1.44 -10.83 -18.50
CA GLY C 417 0.41 -10.06 -17.83
C GLY C 417 0.95 -9.17 -16.72
N ILE C 418 1.61 -9.78 -15.74
CA ILE C 418 2.19 -8.99 -14.65
C ILE C 418 3.25 -8.03 -15.18
N ALA C 419 3.99 -8.43 -16.21
CA ALA C 419 4.99 -7.53 -16.78
C ALA C 419 4.33 -6.35 -17.49
N SER C 420 3.25 -6.60 -18.23
CA SER C 420 2.51 -5.50 -18.84
C SER C 420 1.98 -4.55 -17.77
N ALA C 421 1.55 -5.09 -16.64
CA ALA C 421 1.10 -4.25 -15.54
C ALA C 421 2.24 -3.43 -14.95
N ALA C 422 3.42 -4.04 -14.80
CA ALA C 422 4.56 -3.34 -14.22
C ALA C 422 4.91 -2.09 -15.03
N VAL C 423 4.89 -2.20 -16.37
CA VAL C 423 5.22 -1.05 -17.21
C VAL C 423 4.19 0.07 -17.01
N VAL C 424 2.91 -0.28 -17.00
CA VAL C 424 1.85 0.72 -16.86
C VAL C 424 1.89 1.32 -15.46
N VAL C 425 2.00 0.47 -14.44
CA VAL C 425 2.02 0.93 -13.06
C VAL C 425 3.20 1.88 -12.82
N ALA C 426 4.38 1.53 -13.34
CA ALA C 426 5.54 2.39 -13.18
C ALA C 426 5.29 3.76 -13.79
N ARG C 427 4.59 3.82 -14.92
CA ARG C 427 4.28 5.10 -15.53
C ARG C 427 3.31 5.91 -14.68
N MET C 428 2.31 5.25 -14.10
CA MET C 428 1.35 5.96 -13.26
C MET C 428 2.01 6.45 -11.97
N ILE C 429 2.81 5.60 -11.32
CA ILE C 429 3.51 6.04 -10.12
C ILE C 429 4.47 7.18 -10.47
N GLY C 430 5.05 7.14 -11.67
CA GLY C 430 5.88 8.26 -12.10
C GLY C 430 5.10 9.56 -12.20
N MET C 431 3.86 9.49 -12.70
CA MET C 431 3.02 10.69 -12.75
C MET C 431 2.89 11.31 -11.37
N LEU C 432 2.60 10.49 -10.36
CA LEU C 432 2.41 11.00 -9.01
C LEU C 432 3.72 11.47 -8.40
N ILE C 433 4.76 10.63 -8.48
CA ILE C 433 6.07 11.02 -7.95
C ILE C 433 6.57 12.29 -8.64
N GLY C 434 6.35 12.40 -9.95
CA GLY C 434 6.86 13.54 -10.69
C GLY C 434 6.29 14.87 -10.19
N ILE C 435 4.97 14.94 -10.03
CA ILE C 435 4.38 16.21 -9.62
C ILE C 435 4.75 16.54 -8.18
N ALA C 436 4.78 15.53 -7.30
CA ALA C 436 5.22 15.78 -5.94
C ALA C 436 6.63 16.35 -5.93
N ALA C 437 7.56 15.71 -6.64
CA ALA C 437 8.95 16.14 -6.64
C ALA C 437 9.09 17.54 -7.25
N LEU C 438 8.64 17.72 -8.50
CA LEU C 438 8.89 18.97 -9.20
C LEU C 438 7.98 20.11 -8.72
N SER C 439 6.82 19.81 -8.13
CA SER C 439 6.04 20.88 -7.52
C SER C 439 6.66 21.34 -6.20
N ALA C 440 7.26 20.42 -5.45
CA ALA C 440 7.99 20.81 -4.25
C ALA C 440 9.18 21.70 -4.61
N TRP C 441 9.99 21.27 -5.58
CA TRP C 441 11.10 22.10 -6.04
C TRP C 441 10.60 23.40 -6.66
N GLY C 442 9.43 23.36 -7.30
CA GLY C 442 8.88 24.56 -7.91
C GLY C 442 8.44 25.58 -6.87
N LEU C 443 7.74 25.12 -5.83
CA LEU C 443 7.30 26.04 -4.78
C LEU C 443 8.49 26.57 -3.99
N TYR C 444 9.49 25.72 -3.75
CA TYR C 444 10.71 26.16 -3.11
C TYR C 444 11.36 27.30 -3.91
N ARG C 445 11.66 27.04 -5.18
CA ARG C 445 12.30 28.08 -6.00
C ARG C 445 11.40 29.29 -6.16
N PHE C 446 10.08 29.08 -6.26
CA PHE C 446 9.16 30.21 -6.36
C PHE C 446 9.37 31.20 -5.24
N ASN C 447 9.51 30.70 -4.01
CA ASN C 447 9.74 31.59 -2.87
C ASN C 447 11.13 32.22 -2.93
N GLN C 448 12.17 31.43 -3.20
CA GLN C 448 13.52 31.98 -3.25
C GLN C 448 13.68 32.94 -4.42
N TYR C 449 13.02 32.69 -5.55
CA TYR C 449 13.05 33.65 -6.65
C TYR C 449 12.20 34.88 -6.34
N LEU C 450 11.08 34.70 -5.62
CA LEU C 450 10.26 35.84 -5.24
C LEU C 450 11.05 36.82 -4.38
N LYS C 451 11.86 36.31 -3.46
CA LYS C 451 12.80 37.15 -2.73
C LYS C 451 13.63 37.99 -3.69
N GLU C 452 14.20 37.34 -4.72
CA GLU C 452 15.05 38.05 -5.67
C GLU C 452 14.27 39.12 -6.43
N GLN C 453 13.03 38.83 -6.81
CA GLN C 453 12.23 39.82 -7.54
C GLN C 453 11.87 41.00 -6.65
N LEU C 454 11.55 40.75 -5.39
CA LEU C 454 11.22 41.83 -4.47
C LEU C 454 12.42 42.72 -4.20
N ALA C 455 13.62 42.14 -4.19
CA ALA C 455 14.84 42.94 -4.10
C ALA C 455 15.14 43.67 -5.41
N ALA C 456 14.94 42.99 -6.54
CA ALA C 456 15.34 43.52 -7.84
C ALA C 456 14.40 44.60 -8.34
N LEU C 457 13.10 44.47 -8.07
CA LEU C 457 12.12 45.45 -8.52
C LEU C 457 12.38 46.80 -7.85
N PRO C 458 12.04 47.91 -8.51
CA PRO C 458 12.04 49.21 -7.84
C PRO C 458 11.33 49.13 -6.50
N PRO C 459 11.98 49.57 -5.41
CA PRO C 459 11.31 49.55 -4.10
C PRO C 459 9.97 50.27 -4.09
N ALA C 460 9.76 51.19 -5.03
CA ALA C 460 8.45 51.80 -5.22
C ALA C 460 8.34 52.31 -6.65
N PRO C 461 7.14 52.39 -7.20
CA PRO C 461 6.93 53.08 -8.49
C PRO C 461 6.56 54.53 -8.28
N ALA C 462 6.92 55.36 -9.27
CA ALA C 462 6.57 56.77 -9.24
C ALA C 462 5.14 57.00 -9.70
N ASP C 463 4.42 57.86 -8.98
CA ASP C 463 3.14 58.40 -9.42
C ASP C 463 2.19 57.29 -9.88
N PHE C 464 1.92 56.35 -8.97
CA PHE C 464 1.13 55.19 -9.35
C PHE C 464 -0.37 55.50 -9.26
N PRO C 465 -1.18 55.01 -10.19
CA PRO C 465 -2.63 55.24 -10.11
C PRO C 465 -3.23 54.64 -8.85
N GLY C 466 -3.91 55.47 -8.08
CA GLY C 466 -4.53 55.05 -6.85
C GLY C 466 -3.65 55.10 -5.62
N GLY C 467 -2.36 55.40 -5.77
CA GLY C 467 -1.51 55.75 -4.65
C GLY C 467 -0.37 54.78 -4.43
N GLN C 468 0.41 55.09 -3.37
CA GLN C 468 1.56 54.30 -3.01
C GLN C 468 1.17 52.87 -2.62
N MET C 469 0.16 52.74 -1.74
CA MET C 469 -0.28 51.41 -1.33
C MET C 469 -0.69 50.58 -2.53
N ALA C 470 -1.38 51.18 -3.50
CA ALA C 470 -1.74 50.44 -4.72
C ALA C 470 -0.50 50.07 -5.52
N GLY C 471 0.48 50.97 -5.58
CA GLY C 471 1.71 50.65 -6.28
C GLY C 471 2.49 49.55 -5.61
N GLN C 472 2.47 49.51 -4.27
CA GLN C 472 3.14 48.44 -3.54
C GLN C 472 2.39 47.12 -3.70
N MET C 473 1.06 47.17 -3.76
CA MET C 473 0.30 45.96 -4.04
C MET C 473 0.60 45.44 -5.45
N MET C 474 0.68 46.35 -6.42
CA MET C 474 1.05 45.92 -7.78
C MET C 474 2.46 45.36 -7.80
N ARG C 475 3.37 45.95 -7.04
CA ARG C 475 4.74 45.45 -6.95
C ARG C 475 4.74 43.97 -6.53
N LEU C 476 4.04 43.65 -5.45
CA LEU C 476 3.95 42.25 -5.03
C LEU C 476 3.35 41.37 -6.12
N ARG C 477 2.32 41.85 -6.81
CA ARG C 477 1.71 41.06 -7.87
C ARG C 477 2.68 40.83 -9.03
N THR C 478 3.41 41.87 -9.45
CA THR C 478 4.41 41.69 -10.48
C THR C 478 5.49 40.74 -10.02
N ALA C 479 5.92 40.85 -8.76
CA ALA C 479 6.98 40.01 -8.25
C ALA C 479 6.58 38.54 -8.26
N THR C 480 5.37 38.23 -7.82
CA THR C 480 4.91 36.85 -7.82
C THR C 480 4.78 36.33 -9.25
N VAL C 481 4.24 37.13 -10.17
CA VAL C 481 4.09 36.69 -11.55
C VAL C 481 5.46 36.48 -12.18
N GLN C 482 6.39 37.42 -11.97
CA GLN C 482 7.74 37.25 -12.51
C GLN C 482 8.43 36.02 -11.90
N ALA C 483 8.24 35.81 -10.60
CA ALA C 483 8.83 34.63 -9.96
C ALA C 483 8.12 33.36 -10.41
N TYR C 484 6.82 33.42 -10.69
CA TYR C 484 6.13 32.24 -11.18
C TYR C 484 6.65 31.83 -12.56
N VAL C 485 6.85 32.81 -13.44
CA VAL C 485 7.34 32.50 -14.78
C VAL C 485 8.76 31.92 -14.71
N LEU C 486 9.57 32.35 -13.74
CA LEU C 486 10.89 31.77 -13.58
C LEU C 486 10.82 30.36 -13.02
N GLN C 487 9.93 30.12 -12.06
CA GLN C 487 9.66 28.75 -11.63
C GLN C 487 9.24 27.89 -12.81
N TYR C 488 8.22 28.33 -13.53
CA TYR C 488 7.65 27.56 -14.63
C TYR C 488 8.72 27.14 -15.63
N GLY C 489 9.51 28.11 -16.10
CA GLY C 489 10.49 27.81 -17.13
C GLY C 489 11.51 26.77 -16.70
N GLU C 490 12.12 26.97 -15.54
CA GLU C 490 13.22 26.12 -15.13
C GLU C 490 12.74 24.80 -14.53
N ILE C 491 11.45 24.66 -14.23
CA ILE C 491 10.89 23.35 -13.96
C ILE C 491 10.83 22.52 -15.24
N PHE C 492 10.46 23.15 -16.36
CA PHE C 492 10.47 22.45 -17.64
C PHE C 492 11.88 22.20 -18.14
N ALA C 493 12.85 23.00 -17.71
CA ALA C 493 14.24 22.71 -18.03
C ALA C 493 14.72 21.45 -17.32
N ILE C 494 14.27 21.23 -16.07
CA ILE C 494 14.58 19.98 -15.39
C ILE C 494 13.84 18.82 -16.06
N THR C 495 12.56 19.01 -16.38
CA THR C 495 11.80 17.98 -17.06
C THR C 495 12.49 17.57 -18.36
N ALA C 496 13.03 18.55 -19.09
CA ALA C 496 13.78 18.25 -20.32
C ALA C 496 15.02 17.42 -20.02
N GLY C 497 15.82 17.86 -19.03
CA GLY C 497 17.02 17.12 -18.69
C GLY C 497 16.74 15.70 -18.27
N LEU C 498 15.63 15.50 -17.53
CA LEU C 498 15.26 14.14 -17.14
C LEU C 498 14.90 13.29 -18.34
N CYS C 499 14.36 13.89 -19.40
CA CYS C 499 14.08 13.13 -20.60
C CYS C 499 15.36 12.75 -21.34
N VAL C 500 16.37 13.62 -21.33
CA VAL C 500 17.68 13.25 -21.88
C VAL C 500 18.27 12.10 -21.07
N PHE C 501 18.26 12.25 -19.74
CA PHE C 501 18.66 11.16 -18.85
C PHE C 501 17.86 9.90 -19.15
N GLY C 502 16.57 10.04 -19.43
CA GLY C 502 15.78 8.91 -19.86
C GLY C 502 16.22 8.35 -21.20
N ALA C 503 16.54 9.25 -22.15
CA ALA C 503 16.98 8.80 -23.46
C ALA C 503 18.26 7.97 -23.36
N VAL C 504 19.17 8.36 -22.47
CA VAL C 504 20.38 7.57 -22.24
C VAL C 504 20.01 6.20 -21.70
N LEU C 505 19.12 6.16 -20.70
CA LEU C 505 18.66 4.88 -20.17
C LEU C 505 18.00 4.04 -21.26
N GLY C 506 17.34 4.68 -22.23
CA GLY C 506 16.77 3.96 -23.36
C GLY C 506 17.78 3.16 -24.14
N LEU C 507 19.05 3.55 -24.10
CA LEU C 507 20.10 2.83 -24.81
C LEU C 507 20.52 1.54 -24.11
N PHE C 508 20.01 1.27 -22.92
CA PHE C 508 20.44 0.14 -22.10
C PHE C 508 19.29 -0.79 -21.78
N ILE C 509 18.45 -1.07 -22.77
CA ILE C 509 17.37 -2.05 -22.67
C ILE C 509 17.50 -3.01 -23.86
N ALA C 510 16.71 -4.08 -23.83
CA ALA C 510 16.83 -5.16 -24.81
C ALA C 510 16.60 -4.67 -26.24
N GLY C 511 17.11 -5.45 -27.19
CA GLY C 511 17.00 -5.13 -28.61
C GLY C 511 17.21 -6.35 -29.49
N GLY D 5 19.32 43.24 -9.71
CA GLY D 5 18.33 43.43 -10.76
C GLY D 5 18.02 44.90 -11.01
N GLN D 6 17.16 45.17 -12.00
CA GLN D 6 16.96 46.54 -12.45
C GLN D 6 15.59 46.70 -13.09
N LEU D 7 15.13 47.96 -13.09
CA LEU D 7 14.20 48.52 -14.07
C LEU D 7 14.44 50.02 -14.11
N VAL D 8 15.59 50.43 -14.66
CA VAL D 8 16.10 51.78 -14.47
C VAL D 8 16.46 52.38 -15.83
N GLU D 9 16.15 53.66 -16.02
CA GLU D 9 16.32 54.37 -17.28
C GLU D 9 17.60 55.20 -17.30
N SER D 10 18.00 55.58 -18.52
CA SER D 10 19.09 56.54 -18.72
C SER D 10 18.91 57.17 -20.10
N GLY D 11 19.86 58.04 -20.47
CA GLY D 11 19.90 58.65 -21.79
C GLY D 11 19.24 60.02 -21.89
N GLY D 12 18.22 60.30 -21.07
CA GLY D 12 17.47 61.52 -21.19
C GLY D 12 18.20 62.75 -20.67
N GLY D 13 17.69 63.92 -21.07
CA GLY D 13 18.25 65.20 -20.70
C GLY D 13 17.65 66.35 -21.49
N LEU D 14 18.47 67.26 -21.99
CA LEU D 14 18.03 68.36 -22.84
C LEU D 14 18.75 68.30 -24.17
N VAL D 15 17.99 68.46 -25.27
CA VAL D 15 18.53 68.43 -26.62
C VAL D 15 17.75 69.43 -27.48
N GLN D 16 18.43 69.98 -28.49
CA GLN D 16 17.85 71.00 -29.35
C GLN D 16 16.70 70.44 -30.19
N PRO D 17 15.78 71.31 -30.63
CA PRO D 17 14.73 70.86 -31.56
C PRO D 17 15.33 70.30 -32.84
N GLY D 18 14.72 69.22 -33.33
CA GLY D 18 15.26 68.49 -34.46
C GLY D 18 16.40 67.56 -34.13
N GLY D 19 16.91 67.61 -32.91
CA GLY D 19 17.93 66.66 -32.46
C GLY D 19 17.34 65.31 -32.13
N SER D 20 18.18 64.45 -31.54
CA SER D 20 17.77 63.09 -31.22
C SER D 20 18.31 62.67 -29.87
N LEU D 21 17.62 61.69 -29.27
CA LEU D 21 17.94 61.16 -27.95
C LEU D 21 17.81 59.64 -27.97
N ARG D 22 18.72 58.95 -27.28
CA ARG D 22 18.64 57.49 -27.12
C ARG D 22 18.36 57.19 -25.65
N LEU D 23 17.08 57.17 -25.29
CA LEU D 23 16.69 56.70 -23.97
C LEU D 23 16.98 55.21 -23.83
N SER D 24 17.33 54.79 -22.61
CA SER D 24 17.59 53.39 -22.32
C SER D 24 16.83 52.96 -21.07
N CYS D 25 16.73 51.64 -20.89
CA CYS D 25 16.07 51.07 -19.72
C CYS D 25 16.73 49.71 -19.44
N ALA D 26 17.74 49.73 -18.58
CA ALA D 26 18.44 48.50 -18.22
C ALA D 26 17.58 47.64 -17.32
N ASP D 27 17.78 46.32 -17.42
CA ASP D 27 16.84 45.35 -16.88
C ASP D 27 17.55 44.01 -16.72
N ALA D 28 16.96 43.13 -15.91
CA ALA D 28 17.55 41.81 -15.68
C ALA D 28 17.21 40.87 -16.84
N GLY D 29 18.26 40.25 -17.41
CA GLY D 29 18.06 39.44 -18.60
C GLY D 29 17.11 38.28 -18.39
N SER D 30 17.22 37.60 -17.24
CA SER D 30 16.42 36.41 -16.98
C SER D 30 14.93 36.69 -17.08
N ILE D 31 14.51 37.94 -16.80
CA ILE D 31 13.13 38.33 -16.90
C ILE D 31 12.85 39.19 -18.14
N PHE D 32 13.86 39.88 -18.65
CA PHE D 32 13.71 40.75 -19.81
C PHE D 32 13.15 40.00 -21.01
N ASN D 33 13.62 38.76 -21.25
CA ASN D 33 13.20 37.98 -22.40
C ASN D 33 11.80 37.39 -22.25
N LYS D 34 11.17 37.51 -21.09
CA LYS D 34 9.97 36.74 -20.76
C LYS D 34 8.70 37.58 -20.73
N PHE D 35 8.77 38.89 -20.96
CA PHE D 35 7.60 39.76 -20.85
C PHE D 35 7.59 40.82 -21.93
N PRO D 36 6.41 41.29 -22.34
CA PRO D 36 6.35 42.48 -23.19
C PRO D 36 6.78 43.72 -22.40
N MET D 37 7.22 44.73 -23.15
CA MET D 37 7.82 45.92 -22.56
C MET D 37 7.31 47.15 -23.31
N ALA D 38 7.41 48.31 -22.66
CA ALA D 38 6.84 49.52 -23.25
C ALA D 38 7.51 50.76 -22.68
N TRP D 39 7.25 51.89 -23.34
CA TRP D 39 7.61 53.22 -22.88
C TRP D 39 6.35 54.08 -22.79
N TYR D 40 6.27 54.92 -21.76
CA TYR D 40 5.09 55.73 -21.49
C TYR D 40 5.48 57.15 -21.13
N ARG D 41 4.56 58.07 -21.37
CA ARG D 41 4.60 59.45 -20.88
C ARG D 41 3.72 59.61 -19.64
N GLN D 42 3.83 60.78 -19.02
CA GLN D 42 2.90 61.20 -17.97
C GLN D 42 2.67 60.12 -16.91
N ARG D 48 -0.74 59.23 -17.69
CA ARG D 48 -0.36 58.02 -18.40
C ARG D 48 -0.71 58.14 -19.89
N GLU D 49 0.31 58.03 -20.73
CA GLU D 49 0.14 58.09 -22.18
C GLU D 49 1.16 57.18 -22.84
N LEU D 50 0.69 56.34 -23.77
CA LEU D 50 1.55 55.40 -24.48
C LEU D 50 2.55 56.12 -25.37
N VAL D 51 3.75 55.53 -25.49
CA VAL D 51 4.71 55.95 -26.51
C VAL D 51 4.99 54.79 -27.46
N ALA D 52 5.50 53.68 -26.92
CA ALA D 52 5.95 52.58 -27.76
C ALA D 52 5.93 51.28 -26.96
N ARG D 53 6.00 50.17 -27.69
CA ARG D 53 5.74 48.84 -27.14
C ARG D 53 6.52 47.79 -27.93
N ILE D 54 6.99 46.75 -27.24
CA ILE D 54 7.55 45.57 -27.90
C ILE D 54 7.07 44.31 -27.19
N SER D 55 6.71 43.29 -27.97
CA SER D 55 6.58 41.94 -27.45
C SER D 55 7.94 41.39 -27.06
N SER D 56 7.94 40.26 -26.34
CA SER D 56 9.19 39.58 -26.03
C SER D 56 9.91 39.12 -27.28
N GLY D 57 9.20 38.97 -28.40
CA GLY D 57 9.80 38.52 -29.64
C GLY D 57 10.19 39.64 -30.59
N GLY D 58 10.30 40.87 -30.08
CA GLY D 58 10.85 41.97 -30.85
C GLY D 58 9.87 42.76 -31.70
N SER D 59 8.60 42.35 -31.74
CA SER D 59 7.62 43.06 -32.56
C SER D 59 7.27 44.41 -31.94
N THR D 60 7.48 45.49 -32.68
CA THR D 60 7.30 46.84 -32.17
C THR D 60 5.94 47.42 -32.56
N ASN D 61 5.45 48.35 -31.75
CA ASN D 61 4.18 49.04 -31.96
C ASN D 61 4.26 50.40 -31.28
N TYR D 62 3.54 51.39 -31.84
CA TYR D 62 3.77 52.79 -31.47
C TYR D 62 2.47 53.56 -31.32
N ALA D 63 2.58 54.70 -30.61
CA ALA D 63 1.49 55.66 -30.47
C ALA D 63 1.40 56.55 -31.70
N ASP D 64 0.19 57.03 -31.98
CA ASP D 64 -0.04 57.75 -33.24
C ASP D 64 0.80 59.03 -33.32
N PHE D 65 0.99 59.72 -32.20
CA PHE D 65 1.78 60.94 -32.20
C PHE D 65 3.26 60.69 -32.50
N VAL D 66 3.73 59.45 -32.45
CA VAL D 66 5.13 59.17 -32.76
C VAL D 66 5.39 59.34 -34.26
N LYS D 67 4.37 59.14 -35.10
CA LYS D 67 4.45 59.39 -36.54
C LYS D 67 5.70 58.76 -37.17
N GLY D 68 6.14 57.63 -36.63
CA GLY D 68 7.34 56.98 -37.14
C GLY D 68 8.64 57.68 -36.79
N ARG D 69 8.60 58.65 -35.88
CA ARG D 69 9.77 59.43 -35.53
C ARG D 69 10.78 58.63 -34.70
N PHE D 70 10.30 57.73 -33.85
CA PHE D 70 11.14 57.03 -32.88
C PHE D 70 11.19 55.54 -33.20
N THR D 71 12.28 54.88 -32.79
CA THR D 71 12.38 53.42 -32.82
C THR D 71 12.58 52.90 -31.40
N ILE D 72 11.69 52.01 -30.96
CA ILE D 72 11.89 51.24 -29.74
C ILE D 72 12.59 49.94 -30.12
N SER D 73 13.52 49.49 -29.27
CA SER D 73 14.29 48.29 -29.60
C SER D 73 14.65 47.53 -28.32
N ARG D 74 14.95 46.25 -28.51
CA ARG D 74 15.52 45.38 -27.48
C ARG D 74 16.97 45.08 -27.84
N ASP D 75 17.88 45.29 -26.90
CA ASP D 75 19.27 44.86 -27.03
C ASP D 75 19.44 43.57 -26.25
N ASN D 76 19.52 42.45 -26.96
CA ASN D 76 19.61 41.14 -26.32
C ASN D 76 21.03 40.77 -25.90
N ALA D 77 22.02 41.59 -26.25
CA ALA D 77 23.36 41.47 -25.68
C ALA D 77 23.34 42.17 -24.33
N LYS D 78 23.45 41.37 -23.25
CA LYS D 78 22.93 41.77 -21.94
C LYS D 78 21.46 42.11 -22.15
N SER D 79 20.93 43.17 -21.51
CA SER D 79 19.49 43.40 -21.60
C SER D 79 19.15 44.84 -21.27
N THR D 80 18.63 45.57 -22.27
CA THR D 80 18.06 46.89 -22.06
C THR D 80 17.13 47.23 -23.22
N LEU D 81 16.10 48.00 -22.94
CA LEU D 81 15.35 48.67 -24.00
C LEU D 81 16.12 49.90 -24.46
N TYR D 82 15.70 50.44 -25.60
CA TYR D 82 16.04 51.80 -25.98
C TYR D 82 14.88 52.43 -26.72
N LEU D 83 14.79 53.76 -26.63
CA LEU D 83 14.09 54.58 -27.61
C LEU D 83 15.13 55.49 -28.26
N GLN D 84 15.35 55.30 -29.55
CA GLN D 84 16.06 56.31 -30.36
C GLN D 84 15.00 57.28 -30.86
N MET D 85 14.95 58.46 -30.25
CA MET D 85 13.94 59.48 -30.55
C MET D 85 14.54 60.47 -31.54
N ASN D 86 14.36 60.19 -32.82
CA ASN D 86 14.82 61.10 -33.85
C ASN D 86 13.84 62.28 -34.01
N SER D 87 14.37 63.40 -34.47
CA SER D 87 13.57 64.59 -34.81
C SER D 87 12.63 64.99 -33.66
N LEU D 88 13.27 65.40 -32.56
CA LEU D 88 12.54 65.80 -31.36
C LEU D 88 11.76 67.10 -31.57
N LYS D 89 10.64 67.22 -30.85
CA LYS D 89 9.76 68.38 -30.84
C LYS D 89 9.77 69.03 -29.46
N PRO D 90 9.61 70.36 -29.38
CA PRO D 90 9.53 70.99 -28.05
C PRO D 90 8.48 70.37 -27.13
N GLU D 91 7.31 70.03 -27.65
CA GLU D 91 6.23 69.50 -26.82
C GLU D 91 6.28 67.97 -26.68
N ASP D 92 7.39 67.33 -27.08
CA ASP D 92 7.73 66.02 -26.52
C ASP D 92 8.09 66.12 -25.05
N THR D 93 8.37 67.32 -24.56
CA THR D 93 8.92 67.51 -23.21
C THR D 93 7.96 66.93 -22.17
N ALA D 94 8.44 65.92 -21.46
CA ALA D 94 7.66 65.14 -20.51
C ALA D 94 8.63 64.23 -19.77
N MET D 95 8.09 63.44 -18.84
CA MET D 95 8.87 62.45 -18.12
C MET D 95 8.52 61.06 -18.65
N TYR D 96 9.54 60.26 -18.92
CA TYR D 96 9.39 59.02 -19.68
C TYR D 96 9.68 57.82 -18.79
N TYR D 97 8.75 56.86 -18.80
CA TYR D 97 8.82 55.66 -17.98
C TYR D 97 8.97 54.44 -18.88
N CYS D 98 9.92 53.56 -18.56
CA CYS D 98 9.94 52.23 -19.15
C CYS D 98 9.21 51.27 -18.23
N ALA D 99 8.43 50.37 -18.81
CA ALA D 99 7.51 49.53 -18.07
C ALA D 99 7.55 48.10 -18.58
N ARG D 100 7.54 47.15 -17.64
CA ARG D 100 7.31 45.75 -17.97
C ARG D 100 5.81 45.50 -17.93
N ILE D 101 5.26 44.99 -19.04
CA ILE D 101 3.85 44.65 -19.12
C ILE D 101 3.67 43.23 -18.59
N ILE D 102 2.95 43.10 -17.48
CA ILE D 102 2.84 41.83 -16.79
C ILE D 102 1.71 40.96 -17.34
N ASN D 103 0.67 41.58 -17.89
CA ASN D 103 -0.45 40.86 -18.51
C ASN D 103 -0.71 41.53 -19.85
N SER D 104 -0.29 40.86 -20.93
CA SER D 104 -0.37 41.44 -22.26
C SER D 104 -1.79 41.85 -22.62
N ALA D 105 -2.76 40.96 -22.36
CA ALA D 105 -4.13 41.19 -22.80
C ALA D 105 -4.76 42.43 -22.18
N SER D 106 -4.19 42.98 -21.10
CA SER D 106 -4.73 44.17 -20.45
C SER D 106 -3.67 45.24 -20.20
N ASN D 107 -2.47 45.08 -20.75
CA ASN D 107 -1.38 46.07 -20.63
C ASN D 107 -1.15 46.51 -19.19
N ILE D 108 -1.38 45.61 -18.23
CA ILE D 108 -1.06 45.90 -16.83
C ILE D 108 0.46 45.84 -16.66
N ALA D 109 1.02 46.83 -15.95
CA ALA D 109 2.45 47.08 -16.03
C ALA D 109 3.01 47.65 -14.72
N TYR D 110 4.34 47.70 -14.65
CA TYR D 110 5.10 48.26 -13.53
C TYR D 110 6.35 48.93 -14.09
N TRP D 111 6.77 50.05 -13.47
CA TRP D 111 7.69 50.95 -14.18
C TRP D 111 8.70 51.73 -13.34
N GLY D 112 8.65 51.66 -12.01
CA GLY D 112 9.68 52.31 -11.20
C GLY D 112 9.69 53.84 -11.30
N GLN D 113 10.88 54.42 -11.13
CA GLN D 113 11.09 55.87 -11.14
C GLN D 113 11.90 56.24 -12.38
N GLY D 114 11.45 57.26 -13.12
CA GLY D 114 11.84 57.47 -14.50
C GLY D 114 12.85 58.58 -14.72
N THR D 115 12.87 59.10 -15.96
CA THR D 115 13.81 60.14 -16.41
C THR D 115 13.06 61.17 -17.24
N ARG D 116 13.55 62.40 -17.22
CA ARG D 116 12.87 63.55 -17.83
C ARG D 116 13.53 63.93 -19.15
N VAL D 117 12.70 64.14 -20.18
CA VAL D 117 13.15 64.52 -21.51
C VAL D 117 12.68 65.95 -21.80
N THR D 118 13.59 66.79 -22.29
CA THR D 118 13.30 68.19 -22.55
C THR D 118 13.88 68.58 -23.90
N VAL D 119 13.12 69.37 -24.66
CA VAL D 119 13.47 69.68 -26.04
C VAL D 119 13.43 71.19 -26.28
#